data_5MRH
#
_entry.id   5MRH
#
_cell.length_a   162.395
_cell.length_b   78.230
_cell.length_c   111.796
_cell.angle_alpha   90.00
_cell.angle_beta   127.20
_cell.angle_gamma   90.00
#
_symmetry.space_group_name_H-M   'C 1 2 1'
#
loop_
_entity.id
_entity.type
_entity.pdbx_description
1 polymer Sortilin
2 branched 2-acetamido-2-deoxy-beta-D-glucopyranose-(1-4)-2-acetamido-2-deoxy-beta-D-glucopyranose
3 non-polymer 3-(3-methylbutyl)-4~{H}-1,2,3-triazol-5-one
4 non-polymer 'TRIETHYLENE GLYCOL'
5 water water
#
_entity_poly.entity_id   1
_entity_poly.type   'polypeptide(L)'
_entity_poly.pdbx_seq_one_letter_code
;SAPGEDEECGRVRDFVAKLANNTHQHVFDDLRGSVSLSWVGDSTGVILVLTTFHVPLVIMTFGQSKLYRSEDYGKNFKDI
TDLINNTFIRTEFGMAIGPENSGKVVLTAEVSGGSRGGRIFRSSDFAKNFVQTDLPFHPLTQMMYSPQNSDYLLALSTEN
GLWVSKNFGGKWEEIHKAVCLAKWGSDNTIFFTTYANGSCKADLGALELWRTSDLGKSFKTIGVKIYSFGLGGRFLFASV
MADKDTTRRIHVSTDQGDTWSMAQLPSVGQEQFYSILAANDDMVFMHVDEPGDTGFGTIFTSDDRGIVYSKSLDRHLYTT
TGGETDFTNVTSLRGVYITSVLSEDNSIQTMITFDQGGRWTHLRKPENSECDATAKNKNECSLHIHASYSISQKLNVPMA
PLSEPNAVGIVIAHGSVGDAISVMVPDVYISDDGGYSWTKMLEGPHYYTILDSGGIIVAIEHSSRPINVIKFSTDEGQCW
QTYTFTRDPIYFTGLASEPGARSMNISIWGFTESFLTSQWVSYTIDFKDILERNCEEKDYTIWLAHSTDPEDYEDGCILG
YKEQFLRLRKSSMCQNGRDYVVTKQPSICLCSLEDFLCDFGYYRPENDSKCVEQPELKGHDLEFCLYGREEHLTTNGYRK
IPGDKCQGGVNPVREVKDLKKKCTSNFLSPEKQNSKSNSGSAMIEGRGVGHHHHHH
;
_entity_poly.pdbx_strand_id   A
#
loop_
_chem_comp.id
_chem_comp.type
_chem_comp.name
_chem_comp.formula
NAG D-saccharide, beta linking 2-acetamido-2-deoxy-beta-D-glucopyranose 'C8 H15 N O6'
PGE non-polymer 'TRIETHYLENE GLYCOL' 'C6 H14 O4'
Q9Z non-polymer 3-(3-methylbutyl)-4~{H}-1,2,3-triazol-5-one 'C7 H13 N3 O'
#
# COMPACT_ATOMS: atom_id res chain seq x y z
N ARG A 11 29.58 11.42 11.83
CA ARG A 11 30.77 12.22 11.56
C ARG A 11 30.43 13.71 11.54
N VAL A 12 29.48 14.09 12.39
CA VAL A 12 29.05 15.49 12.53
C VAL A 12 29.60 16.03 13.85
N ARG A 13 30.37 17.10 13.76
CA ARG A 13 31.00 17.72 14.92
C ARG A 13 30.00 18.39 15.85
N ASP A 14 30.21 18.20 17.15
CA ASP A 14 29.41 18.82 18.22
C ASP A 14 27.90 18.64 18.03
N PHE A 15 27.51 17.42 17.65
CA PHE A 15 26.09 17.15 17.44
C PHE A 15 25.30 17.20 18.74
N VAL A 16 25.91 16.77 19.85
CA VAL A 16 25.20 16.71 21.13
C VAL A 16 24.66 18.08 21.52
N ALA A 17 25.44 19.14 21.27
CA ALA A 17 25.00 20.48 21.64
C ALA A 17 23.73 20.88 20.89
N LYS A 18 23.69 20.59 19.59
CA LYS A 18 22.52 20.98 18.79
C LYS A 18 21.26 20.25 19.20
N LEU A 19 21.36 18.94 19.44
CA LEU A 19 20.18 18.14 19.79
C LEU A 19 19.63 18.48 21.17
N ALA A 20 20.49 18.81 22.13
CA ALA A 20 20.05 18.94 23.52
C ALA A 20 18.96 20.00 23.69
N ASN A 21 19.15 21.18 23.09
CA ASN A 21 18.11 22.20 23.14
C ASN A 21 16.89 21.82 22.32
N ASN A 22 17.13 21.20 21.15
CA ASN A 22 16.05 20.77 20.27
C ASN A 22 15.18 19.66 20.88
N THR A 23 15.76 18.80 21.70
CA THR A 23 14.97 17.72 22.29
C THR A 23 13.89 18.30 23.21
N HIS A 24 12.68 17.77 23.09
CA HIS A 24 11.55 18.17 23.91
C HIS A 24 10.86 16.92 24.45
N GLN A 25 10.36 17.01 25.67
CA GLN A 25 9.74 15.88 26.33
C GLN A 25 8.35 16.27 26.82
N HIS A 26 7.43 15.30 26.78
CA HIS A 26 6.08 15.51 27.26
C HIS A 26 5.64 14.28 28.03
N VAL A 27 4.87 14.49 29.10
CA VAL A 27 4.38 13.42 29.94
C VAL A 27 2.86 13.38 29.85
N PHE A 28 2.31 12.17 29.82
CA PHE A 28 0.87 12.00 29.67
C PHE A 28 0.23 11.48 30.94
N GLY A 33 -4.63 2.25 28.48
CA GLY A 33 -5.64 1.53 27.72
C GLY A 33 -5.37 1.44 26.23
N SER A 34 -6.41 1.64 25.42
CA SER A 34 -6.27 1.63 23.98
C SER A 34 -5.83 3.00 23.50
N VAL A 35 -4.68 3.07 22.84
CA VAL A 35 -4.06 4.33 22.46
C VAL A 35 -3.92 4.39 20.94
N SER A 36 -4.27 5.53 20.36
CA SER A 36 -4.22 5.73 18.92
C SER A 36 -3.76 7.16 18.64
N LEU A 37 -2.99 7.33 17.56
CA LEU A 37 -2.44 8.62 17.19
C LEU A 37 -2.76 8.88 15.72
N SER A 38 -3.36 10.03 15.43
CA SER A 38 -3.71 10.41 14.07
C SER A 38 -3.20 11.82 13.75
N TRP A 39 -2.46 11.94 12.65
CA TRP A 39 -2.03 13.22 12.15
C TRP A 39 -3.19 13.90 11.45
N VAL A 40 -3.23 15.23 11.51
CA VAL A 40 -4.28 16.01 10.84
C VAL A 40 -3.63 17.02 9.92
N GLY A 41 -3.83 16.83 8.61
CA GLY A 41 -3.34 17.74 7.60
C GLY A 41 -1.84 17.61 7.36
N ASP A 42 -1.38 18.35 6.36
CA ASP A 42 0.02 18.39 5.99
C ASP A 42 0.59 19.77 6.28
N SER A 43 1.81 19.81 6.82
CA SER A 43 2.49 21.05 7.19
C SER A 43 1.69 21.85 8.22
N THR A 44 0.93 21.15 9.07
CA THR A 44 0.20 21.75 10.18
C THR A 44 0.71 21.32 11.53
N GLY A 45 1.35 20.16 11.63
CA GLY A 45 1.85 19.67 12.90
C GLY A 45 0.77 19.23 13.87
N VAL A 46 -0.47 19.10 13.43
CA VAL A 46 -1.56 18.74 14.31
C VAL A 46 -1.57 17.23 14.52
N ILE A 47 -1.50 16.82 15.79
CA ILE A 47 -1.48 15.42 16.17
C ILE A 47 -2.55 15.23 17.24
N LEU A 48 -3.32 14.15 17.10
CA LEU A 48 -4.35 13.81 18.07
C LEU A 48 -4.03 12.44 18.66
N VAL A 49 -4.03 12.36 19.99
CA VAL A 49 -3.82 11.11 20.72
C VAL A 49 -5.08 10.82 21.52
N LEU A 50 -5.64 9.63 21.33
CA LEU A 50 -6.88 9.24 21.98
C LEU A 50 -6.65 7.98 22.78
N THR A 51 -7.02 8.00 24.05
CA THR A 51 -6.86 6.86 24.94
C THR A 51 -8.18 6.56 25.63
N THR A 52 -8.57 5.29 25.61
CA THR A 52 -9.78 4.82 26.29
C THR A 52 -9.41 3.61 27.16
N PHE A 53 -9.94 3.58 28.38
CA PHE A 53 -9.71 2.45 29.28
C PHE A 53 -11.05 2.00 29.86
N HIS A 54 -11.20 0.68 29.98
CA HIS A 54 -12.42 0.07 30.51
C HIS A 54 -12.20 -0.34 31.97
N VAL A 55 -12.78 0.42 32.89
CA VAL A 55 -12.71 0.16 34.31
C VAL A 55 -14.13 -0.01 34.84
N PRO A 56 -14.42 -1.09 35.58
CA PRO A 56 -15.74 -1.39 36.15
C PRO A 56 -16.37 -0.22 36.89
N GLY A 63 -14.92 4.37 33.28
CA GLY A 63 -14.19 4.37 32.01
C GLY A 63 -14.47 5.60 31.17
N GLN A 64 -13.45 6.45 31.03
CA GLN A 64 -13.56 7.68 30.26
C GLN A 64 -12.42 7.76 29.26
N SER A 65 -12.60 8.63 28.27
CA SER A 65 -11.62 8.82 27.22
C SER A 65 -10.78 10.06 27.50
N LYS A 66 -9.55 10.06 26.98
CA LYS A 66 -8.63 11.17 27.10
C LYS A 66 -8.14 11.53 25.71
N LEU A 67 -8.14 12.83 25.39
CA LEU A 67 -7.76 13.31 24.07
C LEU A 67 -6.74 14.42 24.23
N TYR A 68 -5.67 14.35 23.44
CA TYR A 68 -4.62 15.36 23.48
C TYR A 68 -4.41 15.92 22.08
N ARG A 69 -3.95 17.16 22.02
CA ARG A 69 -3.72 17.82 20.74
C ARG A 69 -2.39 18.55 20.78
N SER A 70 -1.68 18.52 19.65
CA SER A 70 -0.39 19.19 19.52
C SER A 70 -0.29 19.93 18.21
N GLU A 71 0.20 21.16 18.25
CA GLU A 71 0.32 21.99 17.05
C GLU A 71 1.78 22.21 16.68
N ASP A 72 2.70 21.43 17.25
CA ASP A 72 4.12 21.65 17.03
C ASP A 72 4.87 20.38 16.61
N TYR A 73 4.18 19.40 16.03
CA TYR A 73 4.73 18.11 15.65
C TYR A 73 4.97 17.20 16.84
N GLY A 74 4.24 17.39 17.94
CA GLY A 74 4.40 16.56 19.11
C GLY A 74 5.46 16.98 20.11
N LYS A 75 6.07 18.16 19.92
CA LYS A 75 6.97 18.68 20.94
C LYS A 75 6.21 18.98 22.23
N ASN A 76 5.02 19.55 22.12
CA ASN A 76 4.18 19.88 23.25
C ASN A 76 2.75 19.42 22.99
N PHE A 77 2.07 18.95 24.02
CA PHE A 77 0.70 18.48 23.91
C PHE A 77 -0.17 19.18 24.95
N LYS A 78 -1.42 19.45 24.57
CA LYS A 78 -2.39 20.10 25.44
C LYS A 78 -3.60 19.19 25.56
N ASP A 79 -4.02 18.90 26.78
CA ASP A 79 -5.20 18.08 27.00
C ASP A 79 -6.44 18.86 26.54
N ILE A 80 -7.27 18.23 25.72
CA ILE A 80 -8.51 18.84 25.26
C ILE A 80 -9.71 17.94 25.51
N THR A 81 -9.64 17.10 26.55
CA THR A 81 -10.76 16.23 26.89
C THR A 81 -12.02 17.02 27.24
N ASP A 82 -11.88 18.31 27.54
CA ASP A 82 -13.05 19.13 27.83
C ASP A 82 -13.96 19.26 26.61
N LEU A 83 -13.36 19.40 25.43
CA LEU A 83 -14.14 19.54 24.20
C LEU A 83 -15.01 18.32 23.96
N ILE A 84 -14.55 17.12 24.33
CA ILE A 84 -15.34 15.90 24.13
C ILE A 84 -16.38 15.74 25.22
N ASN A 85 -16.44 16.66 26.19
CA ASN A 85 -17.39 16.59 27.31
C ASN A 85 -17.28 15.28 28.08
N ASN A 86 -16.05 14.81 28.28
CA ASN A 86 -15.76 13.60 29.07
C ASN A 86 -16.55 12.39 28.54
N THR A 87 -17.06 12.48 27.32
CA THR A 87 -17.81 11.37 26.74
C THR A 87 -16.88 10.23 26.35
N PHE A 88 -17.35 9.00 26.57
CA PHE A 88 -16.59 7.82 26.19
C PHE A 88 -16.58 7.71 24.67
N ILE A 89 -15.41 7.43 24.09
CA ILE A 89 -15.24 7.32 22.64
C ILE A 89 -14.94 5.86 22.30
N ARG A 90 -15.69 5.32 21.34
CA ARG A 90 -15.49 3.93 20.92
C ARG A 90 -14.19 3.80 20.13
N THR A 91 -13.32 2.88 20.59
CA THR A 91 -12.03 2.68 19.95
C THR A 91 -12.17 2.05 18.57
N GLU A 92 -13.18 1.18 18.40
CA GLU A 92 -13.32 0.44 17.15
C GLU A 92 -13.45 1.38 15.96
N PHE A 93 -14.27 2.41 16.08
CA PHE A 93 -14.41 3.39 15.00
C PHE A 93 -13.16 4.26 14.87
N GLY A 94 -12.41 4.43 15.96
CA GLY A 94 -11.20 5.23 15.86
C GLY A 94 -11.50 6.69 15.59
N MET A 95 -10.50 7.38 15.06
CA MET A 95 -10.63 8.79 14.73
C MET A 95 -10.66 8.92 13.21
N ALA A 96 -11.77 9.42 12.67
CA ALA A 96 -11.89 9.58 11.23
C ALA A 96 -11.25 10.89 10.83
N ILE A 97 -10.24 10.84 9.97
CA ILE A 97 -9.50 12.02 9.58
C ILE A 97 -9.88 12.39 8.16
N GLY A 98 -10.20 13.67 7.96
CA GLY A 98 -10.57 14.23 6.69
C GLY A 98 -9.44 14.21 5.69
N PRO A 99 -9.79 14.38 4.41
CA PRO A 99 -8.78 14.34 3.34
C PRO A 99 -7.79 15.50 3.51
N GLU A 100 -6.67 15.36 2.79
CA GLU A 100 -5.48 16.22 2.82
C GLU A 100 -5.52 17.45 3.73
N ASN A 101 -6.02 18.59 3.25
CA ASN A 101 -6.03 19.79 4.07
C ASN A 101 -7.41 20.17 4.59
N SER A 102 -8.37 19.24 4.56
CA SER A 102 -9.72 19.55 5.02
C SER A 102 -9.74 19.92 6.50
N GLY A 103 -8.88 19.29 7.30
CA GLY A 103 -8.86 19.55 8.74
C GLY A 103 -10.00 18.89 9.48
N LYS A 104 -10.84 18.12 8.80
CA LYS A 104 -11.97 17.46 9.42
C LYS A 104 -11.53 16.30 10.30
N VAL A 105 -12.16 16.19 11.46
CA VAL A 105 -11.89 15.14 12.44
C VAL A 105 -13.22 14.70 13.01
N VAL A 106 -13.47 13.39 13.07
CA VAL A 106 -14.73 12.85 13.60
C VAL A 106 -14.41 11.73 14.57
N LEU A 107 -14.98 11.80 15.77
CA LEU A 107 -14.86 10.77 16.79
C LEU A 107 -16.24 10.20 17.08
N THR A 108 -16.33 8.88 17.19
CA THR A 108 -17.59 8.21 17.43
C THR A 108 -17.70 7.92 18.92
N ALA A 109 -18.68 8.54 19.57
CA ALA A 109 -18.88 8.37 20.99
C ALA A 109 -19.74 7.16 21.30
N GLU A 110 -19.66 6.71 22.54
CA GLU A 110 -20.49 5.63 23.03
C GLU A 110 -21.72 6.24 23.69
N VAL A 111 -22.88 5.61 23.46
CA VAL A 111 -24.14 6.14 23.95
C VAL A 111 -24.84 5.06 24.78
N SER A 112 -25.91 5.47 25.45
CA SER A 112 -26.63 4.56 26.32
C SER A 112 -27.16 3.37 25.52
N GLY A 113 -27.28 2.23 26.19
CA GLY A 113 -27.69 1.02 25.50
C GLY A 113 -29.01 1.16 24.78
N GLY A 114 -29.92 1.96 25.30
CA GLY A 114 -31.24 2.14 24.73
C GLY A 114 -31.43 3.38 23.87
N SER A 115 -30.37 4.14 23.60
CA SER A 115 -30.51 5.35 22.80
C SER A 115 -31.03 5.01 21.41
N ARG A 116 -31.98 5.81 20.93
CA ARG A 116 -32.52 5.56 19.60
C ARG A 116 -31.49 5.80 18.51
N GLY A 117 -30.61 6.78 18.71
CA GLY A 117 -29.61 7.12 17.72
C GLY A 117 -28.22 7.21 18.32
N GLY A 118 -27.23 7.12 17.44
CA GLY A 118 -25.85 7.23 17.84
C GLY A 118 -25.42 8.68 18.02
N ARG A 119 -24.27 8.86 18.66
CA ARG A 119 -23.72 10.19 18.87
C ARG A 119 -22.27 10.21 18.39
N ILE A 120 -21.87 11.31 17.76
CA ILE A 120 -20.52 11.53 17.29
C ILE A 120 -20.11 12.96 17.56
N PHE A 121 -18.80 13.19 17.63
CA PHE A 121 -18.24 14.52 17.85
C PHE A 121 -17.47 14.86 16.59
N ARG A 122 -17.66 16.07 16.08
CA ARG A 122 -16.99 16.45 14.85
C ARG A 122 -16.31 17.81 14.97
N SER A 123 -15.27 17.99 14.17
CA SER A 123 -14.53 19.23 14.09
C SER A 123 -14.14 19.45 12.63
N SER A 124 -14.15 20.72 12.21
CA SER A 124 -13.68 21.08 10.88
C SER A 124 -12.52 22.06 10.94
N ASP A 125 -12.03 22.37 12.14
CA ASP A 125 -11.00 23.37 12.35
C ASP A 125 -9.69 22.75 12.86
N PHE A 126 -9.37 21.55 12.38
CA PHE A 126 -8.20 20.80 12.84
C PHE A 126 -8.26 20.52 14.35
N ALA A 127 -9.45 20.17 14.83
CA ALA A 127 -9.71 19.77 16.21
C ALA A 127 -9.54 20.89 17.23
N LYS A 128 -9.53 22.16 16.82
CA LYS A 128 -9.53 23.23 17.82
C LYS A 128 -10.85 23.30 18.57
N ASN A 129 -11.97 23.16 17.85
CA ASN A 129 -13.31 23.19 18.43
C ASN A 129 -14.10 21.99 17.93
N PHE A 130 -14.78 21.31 18.86
CA PHE A 130 -15.57 20.13 18.55
C PHE A 130 -17.05 20.44 18.80
N VAL A 131 -17.90 19.91 17.92
CA VAL A 131 -19.34 20.07 18.03
C VAL A 131 -19.97 18.69 18.19
N GLN A 132 -20.84 18.55 19.19
CA GLN A 132 -21.55 17.30 19.42
C GLN A 132 -22.75 17.22 18.50
N THR A 133 -22.98 16.05 17.93
CA THR A 133 -24.15 15.83 17.08
C THR A 133 -24.73 14.46 17.34
N ASP A 134 -26.05 14.41 17.53
CA ASP A 134 -26.74 13.13 17.62
C ASP A 134 -27.02 12.62 16.22
N LEU A 135 -27.20 11.31 16.10
CA LEU A 135 -27.42 10.71 14.80
C LEU A 135 -28.78 10.01 14.75
N PRO A 136 -29.35 9.85 13.55
CA PRO A 136 -30.63 9.15 13.43
C PRO A 136 -30.50 7.64 13.39
N PHE A 137 -29.27 7.12 13.41
CA PHE A 137 -29.01 5.70 13.30
C PHE A 137 -27.82 5.36 14.18
N HIS A 138 -27.56 4.06 14.31
CA HIS A 138 -26.40 3.56 15.04
C HIS A 138 -25.34 3.15 14.05
N PRO A 139 -24.16 3.77 14.06
CA PRO A 139 -23.13 3.42 13.07
C PRO A 139 -22.59 2.00 13.26
N LEU A 140 -22.47 1.30 12.14
CA LEU A 140 -21.87 -0.03 12.11
C LEU A 140 -20.45 -0.01 11.57
N THR A 141 -20.14 0.91 10.67
CA THR A 141 -18.81 1.09 10.10
C THR A 141 -18.30 2.47 10.45
N GLN A 142 -17.04 2.72 10.12
CA GLN A 142 -16.47 4.05 10.25
C GLN A 142 -16.99 4.95 9.14
N MET A 143 -17.24 6.21 9.48
CA MET A 143 -17.71 7.18 8.50
C MET A 143 -16.58 7.48 7.51
N MET A 144 -16.91 7.48 6.23
CA MET A 144 -15.92 7.64 5.16
C MET A 144 -16.11 8.94 4.41
N TYR A 145 -15.05 9.75 4.36
CA TYR A 145 -15.09 11.01 3.64
C TYR A 145 -15.08 10.76 2.15
N SER A 146 -15.80 11.58 1.40
CA SER A 146 -15.77 11.47 -0.04
C SER A 146 -14.48 12.11 -0.55
N PRO A 147 -13.73 11.45 -1.42
CA PRO A 147 -12.42 12.00 -1.82
C PRO A 147 -12.52 13.33 -2.54
N GLN A 148 -13.41 13.43 -3.53
CA GLN A 148 -13.65 14.70 -4.22
C GLN A 148 -14.06 15.80 -3.25
N ASN A 149 -15.00 15.54 -2.34
CA ASN A 149 -15.48 16.57 -1.42
C ASN A 149 -15.48 16.08 0.02
N SER A 150 -14.73 16.79 0.87
CA SER A 150 -14.62 16.45 2.28
C SER A 150 -15.97 16.47 2.98
N ASP A 151 -16.85 17.40 2.59
CA ASP A 151 -18.12 17.57 3.29
C ASP A 151 -19.00 16.33 3.22
N TYR A 152 -19.02 15.66 2.07
CA TYR A 152 -19.87 14.48 1.92
C TYR A 152 -19.35 13.30 2.75
N LEU A 153 -20.29 12.54 3.31
CA LEU A 153 -19.98 11.38 4.14
C LEU A 153 -20.97 10.26 3.87
N LEU A 154 -20.53 9.03 4.15
CA LEU A 154 -21.39 7.86 4.03
C LEU A 154 -21.05 6.89 5.15
N ALA A 155 -22.06 6.12 5.57
CA ALA A 155 -21.87 5.15 6.64
C ALA A 155 -22.96 4.08 6.53
N LEU A 156 -22.73 2.97 7.22
CA LEU A 156 -23.68 1.87 7.29
C LEU A 156 -24.21 1.76 8.72
N SER A 157 -25.52 1.62 8.86
CA SER A 157 -26.11 1.50 10.18
C SER A 157 -26.01 0.06 10.67
N THR A 158 -26.43 -0.14 11.93
CA THR A 158 -26.52 -1.48 12.50
C THR A 158 -27.54 -2.34 11.76
N GLU A 159 -28.51 -1.71 11.10
CA GLU A 159 -29.56 -2.40 10.37
C GLU A 159 -29.22 -2.53 8.90
N ASN A 160 -27.94 -2.37 8.55
CA ASN A 160 -27.46 -2.43 7.17
C ASN A 160 -28.14 -1.38 6.29
N GLY A 161 -28.25 -0.17 6.82
CA GLY A 161 -28.82 0.95 6.10
C GLY A 161 -27.70 1.89 5.70
N LEU A 162 -27.81 2.49 4.52
CA LEU A 162 -26.78 3.38 4.00
C LEU A 162 -27.26 4.82 4.17
N TRP A 163 -26.52 5.60 4.93
CA TRP A 163 -26.86 6.99 5.21
C TRP A 163 -25.78 7.91 4.65
N VAL A 164 -26.22 9.03 4.09
CA VAL A 164 -25.33 10.00 3.47
C VAL A 164 -25.59 11.36 4.09
N SER A 165 -24.53 12.15 4.26
CA SER A 165 -24.62 13.48 4.82
C SER A 165 -23.89 14.45 3.90
N LYS A 166 -24.53 15.55 3.54
CA LYS A 166 -23.92 16.58 2.72
C LYS A 166 -23.43 17.77 3.53
N ASN A 167 -23.60 17.73 4.86
CA ASN A 167 -23.22 18.83 5.72
C ASN A 167 -22.15 18.43 6.74
N PHE A 168 -21.30 17.46 6.38
CA PHE A 168 -20.26 16.95 7.27
C PHE A 168 -20.85 16.37 8.56
N GLY A 169 -21.95 15.63 8.42
CA GLY A 169 -22.48 14.86 9.52
C GLY A 169 -23.62 15.48 10.31
N GLY A 170 -24.08 16.67 9.95
CA GLY A 170 -25.21 17.26 10.65
C GLY A 170 -26.52 16.57 10.35
N LYS A 171 -26.79 16.30 9.08
CA LYS A 171 -28.04 15.68 8.64
C LYS A 171 -27.75 14.44 7.80
N TRP A 172 -28.38 13.33 8.14
CA TRP A 172 -28.19 12.05 7.47
C TRP A 172 -29.52 11.53 6.96
N GLU A 173 -29.57 11.19 5.68
CA GLU A 173 -30.73 10.58 5.05
C GLU A 173 -30.39 9.18 4.55
N GLU A 174 -31.32 8.24 4.76
CA GLU A 174 -31.10 6.82 4.40
C GLU A 174 -31.47 6.67 2.93
N ILE A 175 -30.45 6.77 2.06
CA ILE A 175 -30.69 6.68 0.63
C ILE A 175 -31.17 5.29 0.22
N HIS A 176 -30.64 4.22 0.83
CA HIS A 176 -31.11 2.89 0.47
C HIS A 176 -30.91 1.94 1.65
N LYS A 177 -31.89 1.04 1.84
CA LYS A 177 -31.86 -0.01 2.85
C LYS A 177 -31.14 -1.26 2.36
N ALA A 178 -30.72 -2.09 3.33
CA ALA A 178 -30.12 -3.41 3.08
C ALA A 178 -28.80 -3.36 2.28
N VAL A 179 -27.92 -2.43 2.60
CA VAL A 179 -26.65 -2.30 1.89
C VAL A 179 -25.61 -3.18 2.57
N CYS A 180 -25.06 -4.15 1.81
CA CYS A 180 -23.97 -4.98 2.31
C CYS A 180 -22.63 -4.24 2.41
N LEU A 181 -22.28 -3.47 1.38
CA LEU A 181 -21.01 -2.77 1.35
C LEU A 181 -21.13 -1.53 0.48
N ALA A 182 -20.47 -0.46 0.89
CA ALA A 182 -20.55 0.80 0.15
C ALA A 182 -19.18 1.44 0.09
N LYS A 183 -18.88 2.09 -1.02
CA LYS A 183 -17.57 2.71 -1.21
C LYS A 183 -17.72 3.97 -2.05
N TRP A 184 -16.82 4.92 -1.83
CA TRP A 184 -16.78 6.16 -2.57
C TRP A 184 -15.99 5.95 -3.85
N GLY A 185 -16.54 6.42 -4.97
CA GLY A 185 -15.85 6.41 -6.23
C GLY A 185 -15.32 7.78 -6.57
N SER A 186 -14.97 7.97 -7.83
CA SER A 186 -14.54 9.28 -8.29
C SER A 186 -15.74 10.21 -8.45
N ASP A 187 -15.49 11.50 -8.32
CA ASP A 187 -16.50 12.53 -8.55
C ASP A 187 -17.76 12.31 -7.71
N ASN A 188 -17.59 11.90 -6.46
CA ASN A 188 -18.66 11.74 -5.49
C ASN A 188 -19.62 10.60 -5.83
N THR A 189 -19.20 9.69 -6.73
CA THR A 189 -20.04 8.53 -7.05
C THR A 189 -19.99 7.53 -5.90
N ILE A 190 -21.09 6.80 -5.73
CA ILE A 190 -21.20 5.79 -4.67
C ILE A 190 -21.58 4.46 -5.31
N PHE A 191 -20.86 3.40 -4.94
CA PHE A 191 -21.15 2.05 -5.39
C PHE A 191 -21.49 1.22 -4.16
N PHE A 192 -22.56 0.43 -4.25
CA PHE A 192 -22.92 -0.39 -3.11
C PHE A 192 -23.60 -1.67 -3.57
N THR A 193 -23.67 -2.63 -2.66
CA THR A 193 -24.29 -3.93 -2.90
C THR A 193 -25.45 -4.10 -1.93
N THR A 194 -26.55 -4.66 -2.43
CA THR A 194 -27.77 -4.82 -1.65
C THR A 194 -28.20 -6.29 -1.68
N TYR A 195 -28.94 -6.69 -0.65
CA TYR A 195 -29.44 -8.06 -0.52
C TYR A 195 -30.96 -8.02 -0.52
N ALA A 196 -31.56 -8.87 -1.37
CA ALA A 196 -33.02 -8.90 -1.49
C ALA A 196 -33.70 -9.38 -0.20
N ASN A 197 -33.27 -10.51 0.34
CA ASN A 197 -33.92 -11.08 1.51
C ASN A 197 -32.91 -11.58 2.53
N GLY A 198 -33.37 -11.69 3.77
CA GLY A 198 -32.57 -12.20 4.86
C GLY A 198 -31.37 -11.33 5.19
N SER A 199 -30.19 -11.95 5.18
CA SER A 199 -28.95 -11.29 5.55
C SER A 199 -27.93 -11.52 4.45
N CYS A 200 -26.88 -10.69 4.46
CA CYS A 200 -25.85 -10.77 3.43
C CYS A 200 -25.28 -12.18 3.31
N LYS A 201 -25.06 -12.86 4.44
CA LYS A 201 -24.56 -14.23 4.39
C LYS A 201 -25.52 -15.15 3.64
N ALA A 202 -26.83 -14.91 3.81
CA ALA A 202 -27.82 -15.75 3.12
C ALA A 202 -27.78 -15.54 1.63
N ASP A 203 -27.63 -14.29 1.19
CA ASP A 203 -27.69 -13.91 -0.21
C ASP A 203 -26.32 -13.89 -0.88
N LEU A 204 -25.34 -14.56 -0.29
CA LEU A 204 -23.99 -14.59 -0.86
C LEU A 204 -24.02 -15.07 -2.30
N GLY A 205 -23.45 -14.26 -3.19
CA GLY A 205 -23.44 -14.57 -4.60
C GLY A 205 -24.71 -14.21 -5.34
N ALA A 206 -25.73 -13.71 -4.64
CA ALA A 206 -26.99 -13.32 -5.24
C ALA A 206 -27.25 -11.82 -5.09
N LEU A 207 -26.28 -11.07 -4.60
CA LEU A 207 -26.45 -9.66 -4.35
C LEU A 207 -26.52 -8.89 -5.67
N GLU A 208 -27.00 -7.65 -5.57
CA GLU A 208 -27.09 -6.75 -6.70
C GLU A 208 -26.18 -5.56 -6.45
N LEU A 209 -25.44 -5.16 -7.47
CA LEU A 209 -24.52 -4.04 -7.38
C LEU A 209 -25.21 -2.82 -7.96
N TRP A 210 -25.25 -1.75 -7.18
CA TRP A 210 -25.94 -0.53 -7.55
C TRP A 210 -24.98 0.64 -7.52
N ARG A 211 -25.31 1.68 -8.28
CA ARG A 211 -24.51 2.89 -8.33
C ARG A 211 -25.46 4.08 -8.32
N THR A 212 -25.09 5.13 -7.58
CA THR A 212 -25.84 6.36 -7.54
C THR A 212 -24.89 7.53 -7.72
N SER A 213 -25.15 8.38 -8.71
CA SER A 213 -24.36 9.57 -8.93
C SER A 213 -25.02 10.81 -8.36
N ASP A 214 -26.24 10.69 -7.87
CA ASP A 214 -27.03 11.82 -7.38
C ASP A 214 -27.19 11.80 -5.86
N LEU A 215 -26.22 11.19 -5.17
CA LEU A 215 -26.24 11.12 -3.70
C LEU A 215 -27.52 10.47 -3.21
N GLY A 216 -27.97 9.42 -3.91
CA GLY A 216 -29.15 8.68 -3.56
C GLY A 216 -30.42 9.13 -4.23
N LYS A 217 -30.40 10.23 -4.99
CA LYS A 217 -31.62 10.66 -5.69
C LYS A 217 -32.04 9.64 -6.72
N SER A 218 -31.09 9.17 -7.53
CA SER A 218 -31.35 8.22 -8.61
C SER A 218 -30.39 7.05 -8.48
N PHE A 219 -30.89 5.84 -8.75
CA PHE A 219 -30.11 4.61 -8.64
C PHE A 219 -30.10 3.86 -9.96
N LYS A 220 -28.95 3.27 -10.27
CA LYS A 220 -28.77 2.46 -11.47
C LYS A 220 -28.22 1.11 -11.06
N THR A 221 -28.84 0.03 -11.56
CA THR A 221 -28.42 -1.33 -11.22
C THR A 221 -27.41 -1.77 -12.28
N ILE A 222 -26.14 -1.91 -11.89
CA ILE A 222 -25.08 -2.25 -12.81
C ILE A 222 -24.60 -3.68 -12.68
N GLY A 223 -25.15 -4.47 -11.75
CA GLY A 223 -24.75 -5.85 -11.64
C GLY A 223 -25.77 -6.70 -10.92
N VAL A 224 -25.79 -7.99 -11.27
CA VAL A 224 -26.62 -9.00 -10.62
C VAL A 224 -25.75 -10.22 -10.38
N LYS A 225 -26.19 -11.06 -9.44
CA LYS A 225 -25.47 -12.28 -9.07
C LYS A 225 -24.09 -11.93 -8.53
N ILE A 226 -24.02 -10.83 -7.80
CA ILE A 226 -22.75 -10.32 -7.27
C ILE A 226 -22.36 -11.05 -5.99
N TYR A 227 -21.07 -11.34 -5.89
CA TYR A 227 -20.44 -11.84 -4.68
C TYR A 227 -19.79 -10.71 -3.89
N SER A 228 -18.97 -9.91 -4.55
CA SER A 228 -18.35 -8.72 -3.96
C SER A 228 -17.79 -7.87 -5.09
N PHE A 229 -17.31 -6.68 -4.73
CA PHE A 229 -16.73 -5.78 -5.70
C PHE A 229 -15.54 -5.05 -5.07
N GLY A 230 -14.73 -4.47 -5.95
CA GLY A 230 -13.55 -3.74 -5.53
C GLY A 230 -13.20 -2.66 -6.53
N LEU A 231 -12.38 -1.71 -6.08
CA LEU A 231 -11.94 -0.59 -6.90
C LEU A 231 -10.43 -0.52 -6.90
N GLY A 232 -9.84 -0.42 -8.08
CA GLY A 232 -8.40 -0.20 -8.21
C GLY A 232 -8.12 0.69 -9.39
N GLY A 233 -7.46 1.82 -9.18
CA GLY A 233 -7.19 2.74 -10.27
C GLY A 233 -8.48 3.13 -10.97
N ARG A 234 -8.42 3.16 -12.30
CA ARG A 234 -9.63 3.39 -13.09
C ARG A 234 -10.59 2.21 -13.00
N PHE A 235 -10.04 1.01 -12.89
CA PHE A 235 -10.81 -0.23 -12.94
C PHE A 235 -11.79 -0.38 -11.78
N LEU A 236 -12.95 -0.93 -12.10
CA LEU A 236 -13.97 -1.31 -11.13
C LEU A 236 -14.20 -2.80 -11.34
N PHE A 237 -13.99 -3.59 -10.29
CA PHE A 237 -14.09 -5.03 -10.41
C PHE A 237 -15.31 -5.55 -9.67
N ALA A 238 -15.94 -6.58 -10.24
CA ALA A 238 -17.07 -7.26 -9.61
C ALA A 238 -16.89 -8.76 -9.83
N SER A 239 -17.17 -9.54 -8.79
CA SER A 239 -17.13 -10.99 -8.87
C SER A 239 -18.56 -11.49 -9.00
N VAL A 240 -18.82 -12.29 -10.04
CA VAL A 240 -20.14 -12.79 -10.36
C VAL A 240 -20.13 -14.31 -10.19
N MET A 241 -21.20 -14.84 -9.62
CA MET A 241 -21.31 -16.27 -9.37
C MET A 241 -21.95 -16.97 -10.57
N ALA A 242 -21.55 -18.22 -10.78
CA ALA A 242 -22.14 -19.00 -11.86
C ALA A 242 -23.60 -19.32 -11.55
N ASP A 243 -24.36 -19.58 -12.61
CA ASP A 243 -25.75 -19.99 -12.44
C ASP A 243 -25.85 -21.41 -11.91
N LYS A 244 -25.01 -22.32 -12.40
CA LYS A 244 -25.10 -23.73 -12.06
C LYS A 244 -24.07 -24.18 -11.03
N ASP A 245 -23.30 -23.26 -10.45
CA ASP A 245 -22.24 -23.68 -9.54
C ASP A 245 -21.93 -22.57 -8.53
N THR A 246 -21.19 -22.95 -7.50
CA THR A 246 -20.68 -21.99 -6.51
C THR A 246 -19.63 -21.06 -7.10
N THR A 247 -18.89 -21.52 -8.10
CA THR A 247 -17.74 -20.78 -8.62
C THR A 247 -18.11 -19.36 -9.03
N ARG A 248 -17.12 -18.47 -8.95
CA ARG A 248 -17.28 -17.08 -9.33
C ARG A 248 -16.08 -16.65 -10.16
N ARG A 249 -16.30 -15.62 -10.98
CA ARG A 249 -15.24 -15.07 -11.81
C ARG A 249 -15.36 -13.55 -11.87
N ILE A 250 -14.26 -12.90 -12.22
CA ILE A 250 -14.15 -11.44 -12.22
C ILE A 250 -14.61 -10.81 -13.54
N HIS A 251 -15.39 -9.74 -13.41
CA HIS A 251 -15.82 -8.90 -14.51
C HIS A 251 -15.30 -7.49 -14.25
N VAL A 252 -14.90 -6.77 -15.30
CA VAL A 252 -14.29 -5.45 -15.11
C VAL A 252 -15.01 -4.40 -15.95
N SER A 253 -15.02 -3.18 -15.44
CA SER A 253 -15.67 -2.04 -16.08
C SER A 253 -14.85 -0.80 -15.85
N THR A 254 -14.61 -0.03 -16.92
CA THR A 254 -13.93 1.24 -16.83
C THR A 254 -14.86 2.44 -16.96
N ASP A 255 -16.16 2.21 -17.15
CA ASP A 255 -17.12 3.31 -17.29
C ASP A 255 -18.12 3.36 -16.15
N GLN A 256 -17.71 2.93 -14.95
CA GLN A 256 -18.55 2.95 -13.75
C GLN A 256 -19.71 1.95 -13.82
N GLY A 257 -19.57 0.87 -14.58
CA GLY A 257 -20.64 -0.10 -14.67
C GLY A 257 -21.61 0.05 -15.82
N ASP A 258 -21.45 1.06 -16.68
CA ASP A 258 -22.32 1.19 -17.83
C ASP A 258 -22.12 0.02 -18.79
N THR A 259 -20.87 -0.39 -19.00
CA THR A 259 -20.50 -1.51 -19.85
C THR A 259 -19.59 -2.43 -19.04
N TRP A 260 -19.70 -3.73 -19.30
CA TRP A 260 -18.94 -4.72 -18.57
C TRP A 260 -18.23 -5.66 -19.52
N SER A 261 -17.06 -6.15 -19.09
CA SER A 261 -16.28 -7.11 -19.85
C SER A 261 -15.76 -8.18 -18.93
N MET A 262 -15.69 -9.41 -19.44
CA MET A 262 -15.10 -10.49 -18.67
C MET A 262 -13.58 -10.31 -18.64
N ALA A 263 -12.97 -10.76 -17.55
CA ALA A 263 -11.52 -10.66 -17.36
C ALA A 263 -10.89 -12.02 -17.61
N GLN A 264 -9.81 -12.03 -18.39
CA GLN A 264 -9.15 -13.30 -18.71
C GLN A 264 -8.37 -13.79 -17.50
N LEU A 265 -9.09 -14.18 -16.45
CA LEU A 265 -8.55 -14.72 -15.22
C LEU A 265 -9.31 -16.01 -14.89
N PRO A 266 -8.68 -16.92 -14.15
CA PRO A 266 -9.37 -18.17 -13.81
C PRO A 266 -10.52 -17.92 -12.86
N SER A 267 -11.51 -18.80 -12.93
CA SER A 267 -12.60 -18.76 -11.98
C SER A 267 -12.15 -19.43 -10.69
N VAL A 268 -12.83 -19.13 -9.58
CA VAL A 268 -12.46 -19.70 -8.31
C VAL A 268 -13.71 -20.22 -7.59
N GLY A 269 -13.46 -20.96 -6.51
CA GLY A 269 -14.50 -21.50 -5.67
C GLY A 269 -14.61 -20.72 -4.37
N GLN A 270 -15.64 -21.04 -3.60
CA GLN A 270 -15.90 -20.32 -2.36
C GLN A 270 -14.71 -20.36 -1.41
N GLU A 271 -13.94 -21.45 -1.43
CA GLU A 271 -12.75 -21.55 -0.59
C GLU A 271 -11.67 -20.55 -1.03
N GLN A 272 -11.55 -20.31 -2.34
CA GLN A 272 -10.57 -19.41 -2.93
C GLN A 272 -11.02 -17.95 -2.87
N PHE A 273 -10.04 -17.05 -2.99
CA PHE A 273 -10.28 -15.61 -2.91
C PHE A 273 -9.48 -14.87 -3.99
N TYR A 274 -9.93 -13.64 -4.27
CA TYR A 274 -9.26 -12.71 -5.17
C TYR A 274 -8.74 -11.54 -4.35
N SER A 275 -7.57 -11.04 -4.69
CA SER A 275 -7.06 -9.88 -3.98
C SER A 275 -6.32 -8.97 -4.96
N ILE A 276 -6.53 -7.67 -4.80
CA ILE A 276 -5.88 -6.66 -5.63
C ILE A 276 -4.61 -6.28 -4.88
N LEU A 277 -3.46 -6.75 -5.36
CA LEU A 277 -2.21 -6.46 -4.69
C LEU A 277 -1.84 -4.99 -4.81
N ALA A 278 -1.89 -4.45 -6.04
CA ALA A 278 -1.56 -3.06 -6.30
C ALA A 278 -2.30 -2.63 -7.55
N ALA A 279 -2.70 -1.37 -7.59
CA ALA A 279 -3.39 -0.82 -8.75
C ALA A 279 -2.99 0.63 -8.96
N ASN A 280 -3.02 1.06 -10.22
CA ASN A 280 -2.68 2.43 -10.58
C ASN A 280 -3.41 2.79 -11.86
N ASP A 281 -3.02 3.93 -12.45
CA ASP A 281 -3.67 4.39 -13.67
C ASP A 281 -3.43 3.45 -14.84
N ASP A 282 -2.23 2.87 -14.94
CA ASP A 282 -1.92 1.95 -16.03
C ASP A 282 -2.45 0.53 -15.86
N MET A 283 -2.29 -0.08 -14.68
CA MET A 283 -2.58 -1.50 -14.59
C MET A 283 -2.85 -1.92 -13.16
N VAL A 284 -3.14 -3.21 -12.99
CA VAL A 284 -3.44 -3.81 -11.70
C VAL A 284 -2.64 -5.09 -11.52
N PHE A 285 -2.29 -5.37 -10.27
CA PHE A 285 -1.63 -6.61 -9.86
C PHE A 285 -2.69 -7.46 -9.17
N MET A 286 -3.01 -8.62 -9.73
CA MET A 286 -4.09 -9.42 -9.16
C MET A 286 -3.57 -10.76 -8.65
N HIS A 287 -4.06 -11.14 -7.47
CA HIS A 287 -3.70 -12.40 -6.84
C HIS A 287 -4.90 -13.32 -6.88
N VAL A 288 -4.67 -14.55 -7.35
CA VAL A 288 -5.70 -15.58 -7.41
C VAL A 288 -5.26 -16.73 -6.52
N ASP A 289 -6.10 -17.10 -5.56
CA ASP A 289 -5.78 -18.19 -4.66
C ASP A 289 -5.83 -19.52 -5.39
N GLU A 290 -4.85 -20.38 -5.10
CA GLU A 290 -4.83 -21.72 -5.68
C GLU A 290 -5.88 -22.60 -4.99
N PRO A 291 -6.43 -23.60 -5.70
CA PRO A 291 -7.41 -24.48 -5.07
C PRO A 291 -6.80 -25.27 -3.92
N GLY A 292 -7.56 -25.40 -2.84
CA GLY A 292 -7.08 -26.10 -1.67
C GLY A 292 -6.49 -25.16 -0.64
N ASP A 293 -6.11 -25.74 0.49
CA ASP A 293 -5.48 -25.01 1.59
C ASP A 293 -3.95 -25.01 1.38
N THR A 294 -3.55 -24.42 0.25
CA THR A 294 -2.14 -24.28 -0.09
C THR A 294 -1.49 -23.11 0.65
N GLY A 295 -2.20 -22.00 0.79
CA GLY A 295 -1.59 -20.83 1.37
C GLY A 295 -0.81 -20.02 0.36
N PHE A 296 -0.97 -20.30 -0.93
CA PHE A 296 -0.24 -19.60 -1.97
C PHE A 296 -1.11 -19.50 -3.21
N GLY A 297 -0.73 -18.59 -4.11
CA GLY A 297 -1.47 -18.31 -5.31
C GLY A 297 -0.56 -17.83 -6.41
N THR A 298 -1.14 -17.37 -7.51
CA THR A 298 -0.36 -16.85 -8.61
C THR A 298 -0.69 -15.38 -8.80
N ILE A 299 0.31 -14.60 -9.22
CA ILE A 299 0.14 -13.17 -9.48
C ILE A 299 -0.06 -12.97 -10.97
N PHE A 300 -1.06 -12.17 -11.33
CA PHE A 300 -1.36 -11.84 -12.71
C PHE A 300 -1.27 -10.32 -12.87
N THR A 301 -0.65 -9.86 -13.96
CA THR A 301 -0.58 -8.44 -14.30
C THR A 301 -1.51 -8.18 -15.48
N SER A 302 -2.31 -7.13 -15.37
CA SER A 302 -3.29 -6.80 -16.41
C SER A 302 -2.72 -5.88 -17.47
N ASP A 303 -3.50 -5.72 -18.54
CA ASP A 303 -3.23 -4.73 -19.56
C ASP A 303 -3.91 -3.43 -19.15
N ASP A 304 -3.78 -2.40 -20.00
CA ASP A 304 -4.34 -1.09 -19.67
C ASP A 304 -5.87 -1.10 -19.57
N ARG A 305 -6.54 -2.12 -20.10
CA ARG A 305 -7.98 -2.23 -19.94
C ARG A 305 -8.40 -3.12 -18.77
N GLY A 306 -7.45 -3.80 -18.13
CA GLY A 306 -7.82 -4.70 -17.05
C GLY A 306 -8.50 -5.96 -17.50
N ILE A 307 -8.46 -6.26 -18.80
CA ILE A 307 -9.16 -7.40 -19.38
C ILE A 307 -8.22 -8.57 -19.64
N VAL A 308 -7.06 -8.33 -20.25
CA VAL A 308 -6.12 -9.37 -20.61
C VAL A 308 -5.05 -9.44 -19.53
N TYR A 309 -4.79 -10.65 -19.05
CA TYR A 309 -3.87 -10.88 -17.93
C TYR A 309 -2.72 -11.80 -18.33
N SER A 310 -1.53 -11.45 -17.85
CA SER A 310 -0.33 -12.22 -18.05
C SER A 310 0.12 -12.83 -16.72
N LYS A 311 0.53 -14.10 -16.76
CA LYS A 311 0.97 -14.74 -15.52
C LYS A 311 2.35 -14.20 -15.18
N SER A 312 2.48 -13.61 -14.00
CA SER A 312 3.72 -12.98 -13.55
C SER A 312 4.51 -13.83 -12.57
N LEU A 313 3.88 -14.32 -11.50
CA LEU A 313 4.63 -15.08 -10.49
C LEU A 313 3.82 -16.25 -9.97
N ASP A 314 4.50 -17.38 -9.79
CA ASP A 314 3.87 -18.61 -9.33
C ASP A 314 4.15 -18.82 -7.84
N ARG A 315 3.22 -19.52 -7.20
CA ARG A 315 3.33 -19.91 -5.81
C ARG A 315 3.61 -18.71 -4.91
N HIS A 316 2.84 -17.65 -5.14
CA HIS A 316 3.00 -16.44 -4.36
C HIS A 316 2.27 -16.58 -3.03
N LEU A 317 2.98 -16.29 -1.95
CA LEU A 317 2.46 -16.56 -0.60
C LEU A 317 1.39 -15.55 -0.21
N TYR A 318 0.21 -16.06 0.14
CA TYR A 318 -0.87 -15.25 0.68
C TYR A 318 -1.70 -16.20 1.53
N THR A 319 -1.76 -15.97 2.85
CA THR A 319 -2.40 -16.95 3.74
C THR A 319 -3.90 -17.11 3.50
N THR A 320 -4.67 -16.01 3.45
CA THR A 320 -6.12 -16.14 3.27
C THR A 320 -6.63 -14.77 2.77
N THR A 321 -7.97 -14.64 2.66
CA THR A 321 -8.58 -13.46 2.06
C THR A 321 -8.15 -12.18 2.76
N GLY A 322 -8.08 -12.19 4.09
CA GLY A 322 -7.62 -11.03 4.83
C GLY A 322 -6.30 -11.32 5.50
N GLY A 323 -5.62 -12.37 5.05
CA GLY A 323 -4.42 -12.83 5.68
C GLY A 323 -3.19 -12.03 5.28
N GLU A 324 -2.03 -12.57 5.68
CA GLU A 324 -0.76 -11.94 5.43
C GLU A 324 -0.20 -12.24 4.04
N THR A 325 0.42 -11.22 3.46
CA THR A 325 1.18 -11.33 2.22
C THR A 325 2.37 -10.40 2.34
N ASP A 326 3.47 -10.78 1.72
CA ASP A 326 4.68 -9.96 1.77
C ASP A 326 4.81 -8.99 0.60
N PHE A 327 3.80 -8.93 -0.29
CA PHE A 327 3.89 -8.10 -1.49
C PHE A 327 4.12 -6.63 -1.14
N THR A 328 5.17 -6.06 -1.71
CA THR A 328 5.58 -4.71 -1.38
C THR A 328 5.93 -3.92 -2.63
N ASN A 329 5.22 -2.81 -2.83
CA ASN A 329 5.62 -1.78 -3.77
C ASN A 329 6.84 -1.07 -3.21
N VAL A 330 7.98 -1.21 -3.88
CA VAL A 330 9.14 -0.41 -3.53
C VAL A 330 8.89 0.98 -4.10
N THR A 331 8.34 1.88 -3.27
CA THR A 331 7.90 3.20 -3.70
C THR A 331 9.03 4.15 -4.05
N SER A 332 10.28 3.80 -3.79
CA SER A 332 11.39 4.71 -4.04
C SER A 332 12.03 4.51 -5.40
N LEU A 333 11.52 3.59 -6.23
CA LEU A 333 12.02 3.42 -7.58
C LEU A 333 10.90 2.88 -8.44
N ARG A 334 10.85 3.35 -9.68
CA ARG A 334 9.77 2.99 -10.60
C ARG A 334 9.84 1.54 -11.03
N GLY A 335 8.71 0.85 -10.96
CA GLY A 335 8.57 -0.53 -11.40
C GLY A 335 9.17 -1.61 -10.52
N VAL A 336 9.62 -1.29 -9.30
CA VAL A 336 10.25 -2.26 -8.42
C VAL A 336 9.25 -2.79 -7.39
N TYR A 337 9.10 -4.11 -7.34
CA TYR A 337 8.22 -4.74 -6.37
C TYR A 337 8.93 -5.94 -5.75
N ILE A 338 8.61 -6.21 -4.49
CA ILE A 338 9.22 -7.29 -3.72
C ILE A 338 8.12 -8.12 -3.09
N THR A 339 8.31 -9.45 -3.08
CA THR A 339 7.34 -10.34 -2.44
C THR A 339 8.02 -11.66 -2.08
N SER A 340 7.22 -12.58 -1.53
CA SER A 340 7.66 -13.88 -1.03
C SER A 340 6.93 -14.98 -1.79
N VAL A 341 7.64 -16.06 -2.10
CA VAL A 341 7.05 -17.21 -2.78
C VAL A 341 7.36 -18.46 -1.97
N LEU A 342 6.50 -19.45 -2.11
CA LEU A 342 6.65 -20.73 -1.42
C LEU A 342 7.23 -21.71 -2.41
N SER A 343 8.41 -22.23 -2.12
CA SER A 343 9.00 -23.20 -3.01
C SER A 343 8.41 -24.58 -2.74
N GLU A 344 8.63 -25.49 -3.69
CA GLU A 344 8.13 -26.85 -3.53
C GLU A 344 8.72 -27.51 -2.29
N ASP A 345 9.87 -27.02 -1.85
CA ASP A 345 10.58 -27.44 -0.65
C ASP A 345 9.87 -26.95 0.62
N ASN A 346 8.80 -26.16 0.45
CA ASN A 346 8.06 -25.54 1.55
C ASN A 346 8.92 -24.59 2.37
N SER A 347 9.80 -23.89 1.68
CA SER A 347 10.67 -22.88 2.25
C SER A 347 10.23 -21.59 1.57
N ILE A 348 10.47 -20.47 2.23
CA ILE A 348 10.00 -19.18 1.73
C ILE A 348 11.19 -18.41 1.19
N GLN A 349 11.03 -17.88 -0.02
CA GLN A 349 12.07 -17.09 -0.70
C GLN A 349 11.52 -15.73 -1.10
N THR A 350 12.39 -14.75 -1.14
CA THR A 350 12.01 -13.39 -1.50
C THR A 350 12.39 -13.13 -2.95
N MET A 351 11.46 -12.55 -3.71
CA MET A 351 11.66 -12.25 -5.11
C MET A 351 11.44 -10.76 -5.37
N ILE A 352 12.16 -10.23 -6.36
CA ILE A 352 12.06 -8.82 -6.72
C ILE A 352 11.90 -8.69 -8.22
N THR A 353 11.04 -7.77 -8.65
CA THR A 353 10.84 -7.44 -10.06
C THR A 353 11.17 -5.96 -10.26
N PHE A 354 12.02 -5.68 -11.24
CA PHE A 354 12.38 -4.30 -11.57
C PHE A 354 11.55 -3.73 -12.71
N ASP A 355 10.74 -4.54 -13.38
CA ASP A 355 10.00 -4.09 -14.55
C ASP A 355 8.51 -4.42 -14.44
N GLN A 356 7.91 -4.00 -13.31
CA GLN A 356 6.47 -4.14 -13.10
C GLN A 356 5.98 -5.58 -13.31
N GLY A 357 6.71 -6.56 -12.78
CA GLY A 357 6.28 -7.94 -12.86
C GLY A 357 6.61 -8.68 -14.14
N GLY A 358 7.42 -8.12 -15.02
CA GLY A 358 7.77 -8.81 -16.25
C GLY A 358 8.71 -9.98 -15.98
N ARG A 359 9.69 -9.77 -15.11
CA ARG A 359 10.63 -10.81 -14.71
C ARG A 359 10.84 -10.69 -13.21
N TRP A 360 10.98 -11.83 -12.54
CA TRP A 360 11.22 -11.91 -11.12
C TRP A 360 12.52 -12.64 -10.87
N THR A 361 13.24 -12.25 -9.83
CA THR A 361 14.55 -12.83 -9.58
C THR A 361 14.87 -12.72 -8.10
N HIS A 362 15.97 -13.35 -7.73
CA HIS A 362 16.43 -13.32 -6.34
C HIS A 362 17.13 -12.00 -6.05
N LEU A 363 16.97 -11.50 -4.83
CA LEU A 363 17.67 -10.30 -4.42
C LEU A 363 19.14 -10.64 -4.26
N ARG A 364 20.01 -9.77 -4.73
CA ARG A 364 21.45 -10.01 -4.62
C ARG A 364 21.88 -9.83 -3.17
N LYS A 365 22.80 -10.70 -2.72
CA LYS A 365 23.32 -10.60 -1.36
C LYS A 365 24.38 -9.50 -1.24
N PRO A 366 24.52 -8.92 -0.05
CA PRO A 366 25.59 -7.94 0.17
C PRO A 366 26.96 -8.59 0.00
N GLU A 367 27.89 -7.83 -0.58
CA GLU A 367 29.19 -8.39 -0.93
C GLU A 367 29.91 -8.96 0.30
N ASN A 368 29.99 -8.17 1.37
CA ASN A 368 30.63 -8.63 2.61
C ASN A 368 29.62 -9.30 3.54
N SER A 369 29.03 -10.41 3.09
CA SER A 369 28.09 -11.14 3.90
C SER A 369 28.34 -12.64 3.79
N GLU A 370 27.92 -13.35 4.82
CA GLU A 370 28.12 -14.78 4.98
C GLU A 370 26.79 -15.50 4.85
N CYS A 371 26.74 -16.52 4.00
CA CYS A 371 25.50 -17.29 3.87
C CYS A 371 25.25 -18.07 5.15
N ASP A 372 23.99 -18.16 5.56
CA ASP A 372 23.63 -18.78 6.83
C ASP A 372 23.40 -20.30 6.66
N ALA A 373 22.88 -20.92 7.71
CA ALA A 373 22.66 -22.37 7.72
C ALA A 373 21.66 -22.84 6.66
N THR A 374 20.81 -21.96 6.15
CA THR A 374 19.85 -22.36 5.14
C THR A 374 20.47 -22.50 3.75
N ALA A 375 21.71 -22.08 3.55
CA ALA A 375 22.34 -22.10 2.23
C ALA A 375 23.01 -23.43 1.94
N LYS A 376 22.74 -23.96 0.74
CA LYS A 376 23.46 -25.14 0.27
C LYS A 376 24.95 -24.86 0.12
N ASN A 377 25.30 -23.75 -0.54
CA ASN A 377 26.68 -23.34 -0.73
C ASN A 377 26.96 -22.16 0.20
N LYS A 378 28.12 -22.23 0.87
CA LYS A 378 28.52 -21.20 1.82
C LYS A 378 28.79 -19.85 1.16
N ASN A 379 29.34 -19.84 -0.05
CA ASN A 379 29.69 -18.59 -0.73
C ASN A 379 28.65 -18.11 -1.75
N GLU A 380 27.57 -18.84 -1.99
CA GLU A 380 26.54 -18.40 -2.92
C GLU A 380 25.16 -18.52 -2.29
N CYS A 381 24.43 -17.42 -2.24
CA CYS A 381 23.09 -17.37 -1.67
C CYS A 381 22.48 -16.02 -2.05
N SER A 382 21.31 -15.73 -1.49
CA SER A 382 20.55 -14.53 -1.81
C SER A 382 20.18 -13.80 -0.53
N LEU A 383 19.54 -12.64 -0.69
CA LEU A 383 19.04 -11.84 0.41
C LEU A 383 17.53 -12.02 0.47
N HIS A 384 17.01 -12.26 1.65
CA HIS A 384 15.59 -12.47 1.83
C HIS A 384 15.05 -11.48 2.86
N ILE A 385 13.85 -10.98 2.62
CA ILE A 385 13.29 -9.86 3.38
C ILE A 385 12.18 -10.33 4.31
N HIS A 386 12.17 -9.77 5.51
CA HIS A 386 11.14 -10.02 6.52
C HIS A 386 10.05 -8.98 6.36
N ALA A 387 8.83 -9.42 6.09
CA ALA A 387 7.71 -8.51 5.92
C ALA A 387 6.52 -8.97 6.77
N SER A 388 5.29 -8.74 6.28
CA SER A 388 4.10 -9.01 7.07
C SER A 388 4.01 -10.48 7.50
N TYR A 389 4.38 -11.41 6.62
CA TYR A 389 4.30 -12.82 7.02
C TYR A 389 5.24 -13.14 8.17
N SER A 390 6.48 -12.63 8.13
CA SER A 390 7.41 -12.90 9.22
C SER A 390 6.88 -12.35 10.53
N ILE A 391 6.31 -11.14 10.48
CA ILE A 391 5.76 -10.52 11.69
C ILE A 391 4.62 -11.37 12.25
N SER A 392 3.78 -11.92 11.37
CA SER A 392 2.61 -12.66 11.84
C SER A 392 3.00 -13.97 12.51
N GLN A 393 4.19 -14.50 12.22
CA GLN A 393 4.66 -15.74 12.82
C GLN A 393 5.43 -15.49 14.10
N LYS A 394 5.31 -14.27 14.65
CA LYS A 394 5.93 -13.90 15.92
C LYS A 394 7.45 -13.90 15.85
N LEU A 395 8.00 -13.67 14.67
CA LEU A 395 9.44 -13.53 14.54
C LEU A 395 9.88 -12.17 15.09
N ASN A 396 11.17 -12.03 15.36
CA ASN A 396 11.67 -10.81 15.98
C ASN A 396 11.89 -9.75 14.90
N VAL A 397 10.78 -9.26 14.37
CA VAL A 397 10.79 -8.22 13.35
C VAL A 397 9.97 -7.04 13.86
N PRO A 398 10.58 -5.88 14.10
CA PRO A 398 9.82 -4.73 14.60
C PRO A 398 9.19 -3.88 13.51
N MET A 399 9.67 -3.96 12.28
CA MET A 399 9.08 -3.17 11.20
C MET A 399 9.22 -3.91 9.88
N ALA A 400 8.24 -3.70 9.02
CA ALA A 400 8.26 -4.19 7.64
C ALA A 400 9.22 -3.30 6.84
N PRO A 401 9.47 -3.61 5.57
CA PRO A 401 10.38 -2.77 4.79
C PRO A 401 9.82 -1.37 4.63
N LEU A 402 10.72 -0.38 4.53
CA LEU A 402 10.33 1.02 4.39
C LEU A 402 10.99 1.65 3.19
N SER A 403 10.21 2.42 2.44
CA SER A 403 10.72 3.21 1.32
C SER A 403 9.82 4.43 1.17
N GLU A 404 10.39 5.50 0.62
CA GLU A 404 9.61 6.70 0.38
C GLU A 404 9.88 7.21 -1.02
N PRO A 405 8.86 7.76 -1.70
CA PRO A 405 9.09 8.30 -3.05
C PRO A 405 10.07 9.46 -3.08
N ASN A 406 10.05 10.31 -2.05
CA ASN A 406 10.95 11.47 -2.01
C ASN A 406 12.42 11.03 -1.94
N ALA A 407 12.71 9.98 -1.17
CA ALA A 407 14.08 9.48 -1.03
C ALA A 407 14.31 8.46 -2.13
N VAL A 408 14.86 8.94 -3.24
CA VAL A 408 15.02 8.12 -4.44
C VAL A 408 15.91 6.91 -4.17
N GLY A 409 15.40 5.72 -4.51
CA GLY A 409 16.15 4.48 -4.48
C GLY A 409 16.49 3.90 -3.12
N ILE A 410 15.89 4.38 -2.04
CA ILE A 410 16.26 3.94 -0.70
C ILE A 410 15.24 2.92 -0.23
N VAL A 411 15.73 1.77 0.20
CA VAL A 411 14.88 0.72 0.78
C VAL A 411 15.57 0.24 2.04
N ILE A 412 14.81 0.11 3.12
CA ILE A 412 15.34 -0.34 4.40
C ILE A 412 14.47 -1.48 4.88
N ALA A 413 15.09 -2.60 5.22
CA ALA A 413 14.30 -3.75 5.62
C ALA A 413 15.09 -4.69 6.51
N HIS A 414 14.35 -5.51 7.24
CA HIS A 414 14.92 -6.56 8.06
C HIS A 414 15.05 -7.80 7.17
N GLY A 415 16.20 -8.48 7.27
CA GLY A 415 16.40 -9.60 6.39
C GLY A 415 17.42 -10.60 6.90
N SER A 416 17.59 -11.66 6.12
CA SER A 416 18.57 -12.71 6.39
C SER A 416 19.21 -13.14 5.06
N VAL A 417 20.49 -13.51 5.14
CA VAL A 417 21.28 -13.85 3.96
C VAL A 417 21.43 -15.37 3.93
N GLY A 418 20.74 -16.01 2.99
CA GLY A 418 20.79 -17.45 2.83
C GLY A 418 20.00 -17.91 1.63
N ASP A 419 19.53 -19.14 1.66
CA ASP A 419 18.67 -19.67 0.61
C ASP A 419 17.19 -19.46 0.87
N ALA A 420 16.83 -18.87 2.01
CA ALA A 420 15.43 -18.76 2.40
C ALA A 420 15.34 -17.87 3.64
N ILE A 421 14.11 -17.44 3.93
CA ILE A 421 13.86 -16.65 5.13
C ILE A 421 14.15 -17.52 6.35
N SER A 422 15.07 -17.06 7.18
CA SER A 422 15.47 -17.82 8.35
C SER A 422 14.80 -17.28 9.60
N VAL A 423 14.71 -18.15 10.61
CA VAL A 423 14.05 -17.85 11.87
C VAL A 423 14.95 -17.06 12.81
N MET A 424 16.24 -16.96 12.50
CA MET A 424 17.20 -16.30 13.37
C MET A 424 16.87 -14.81 13.52
N VAL A 425 17.37 -14.23 14.61
CA VAL A 425 17.12 -12.81 14.85
C VAL A 425 17.74 -12.00 13.72
N PRO A 426 17.03 -11.09 13.09
CA PRO A 426 17.56 -10.44 11.89
C PRO A 426 18.27 -9.11 12.07
N ASP A 427 19.13 -8.81 11.11
CA ASP A 427 19.83 -7.55 11.00
C ASP A 427 19.05 -6.69 10.01
N VAL A 428 19.45 -5.42 9.90
CA VAL A 428 18.78 -4.47 9.03
C VAL A 428 19.66 -4.19 7.83
N TYR A 429 19.10 -4.30 6.63
CA TYR A 429 19.82 -4.06 5.38
C TYR A 429 19.21 -2.86 4.65
N ILE A 430 20.06 -2.13 3.93
CA ILE A 430 19.65 -0.93 3.21
C ILE A 430 20.10 -1.04 1.76
N SER A 431 19.27 -0.52 0.85
CA SER A 431 19.62 -0.37 -0.56
C SER A 431 19.47 1.09 -0.96
N ASP A 432 20.46 1.63 -1.65
CA ASP A 432 20.40 3.00 -2.16
C ASP A 432 20.11 3.09 -3.65
N ASP A 433 19.98 1.95 -4.35
CA ASP A 433 19.70 1.94 -5.78
C ASP A 433 18.37 1.26 -6.12
N GLY A 434 17.43 1.22 -5.19
CA GLY A 434 16.12 0.70 -5.50
C GLY A 434 15.98 -0.80 -5.40
N GLY A 435 16.98 -1.49 -4.84
CA GLY A 435 16.90 -2.93 -4.63
C GLY A 435 17.90 -3.77 -5.42
N TYR A 436 18.71 -3.17 -6.29
CA TYR A 436 19.70 -3.92 -7.05
C TYR A 436 20.86 -4.38 -6.16
N SER A 437 21.28 -3.54 -5.23
CA SER A 437 22.41 -3.86 -4.35
C SER A 437 22.04 -3.52 -2.92
N TRP A 438 22.67 -4.25 -1.99
CA TRP A 438 22.38 -4.09 -0.58
C TRP A 438 23.66 -4.20 0.24
N THR A 439 23.59 -3.65 1.45
CA THR A 439 24.65 -3.76 2.43
C THR A 439 24.00 -3.81 3.80
N LYS A 440 24.69 -4.40 4.77
CA LYS A 440 24.18 -4.45 6.12
C LYS A 440 24.19 -3.02 6.68
N MET A 441 23.06 -2.59 7.23
CA MET A 441 22.98 -1.23 7.73
C MET A 441 23.27 -1.18 9.23
N LEU A 442 22.58 -2.01 10.01
CA LEU A 442 22.79 -2.11 11.44
C LEU A 442 22.63 -3.56 11.86
N GLU A 443 23.17 -3.89 13.03
CA GLU A 443 23.13 -5.23 13.56
C GLU A 443 21.96 -5.38 14.52
N GLY A 444 21.13 -6.39 14.29
CA GLY A 444 20.01 -6.68 15.14
C GLY A 444 18.79 -5.85 14.81
N PRO A 445 17.63 -6.28 15.31
CA PRO A 445 16.37 -5.61 14.98
C PRO A 445 16.37 -4.15 15.42
N HIS A 446 15.79 -3.30 14.58
CA HIS A 446 15.74 -1.87 14.83
C HIS A 446 14.43 -1.31 14.29
N TYR A 447 14.16 -0.07 14.68
CA TYR A 447 13.03 0.71 14.18
C TYR A 447 13.64 1.81 13.36
N TYR A 448 13.10 2.10 12.18
CA TYR A 448 13.72 3.13 11.34
C TYR A 448 12.66 4.06 10.76
N THR A 449 13.12 5.26 10.43
CA THR A 449 12.32 6.33 9.82
C THR A 449 13.23 7.14 8.92
N ILE A 450 12.66 7.67 7.83
CA ILE A 450 13.38 8.52 6.89
C ILE A 450 12.84 9.93 7.02
N LEU A 451 13.74 10.91 7.05
CA LEU A 451 13.36 12.32 7.20
C LEU A 451 14.04 13.16 6.12
N ASP A 452 13.40 14.29 5.79
CA ASP A 452 13.93 15.24 4.83
C ASP A 452 14.26 14.57 3.48
N SER A 453 13.37 13.69 3.02
CA SER A 453 13.52 13.07 1.71
C SER A 453 14.85 12.33 1.58
N GLY A 454 15.36 11.79 2.67
CA GLY A 454 16.63 11.10 2.68
C GLY A 454 17.75 11.85 3.36
N GLY A 455 17.52 13.12 3.73
CA GLY A 455 18.55 13.90 4.39
C GLY A 455 19.01 13.29 5.70
N ILE A 456 18.11 12.58 6.38
CA ILE A 456 18.42 11.94 7.65
C ILE A 456 17.70 10.60 7.71
N ILE A 457 18.39 9.58 8.20
CA ILE A 457 17.77 8.34 8.63
C ILE A 457 17.91 8.27 10.14
N VAL A 458 16.91 7.70 10.80
CA VAL A 458 16.88 7.59 12.25
C VAL A 458 16.53 6.15 12.62
N ALA A 459 17.16 5.64 13.68
CA ALA A 459 17.01 4.24 14.03
C ALA A 459 17.14 4.04 15.53
N ILE A 460 16.47 2.98 16.00
CA ILE A 460 16.10 2.77 17.40
C ILE A 460 16.24 1.28 17.66
N GLU A 461 17.20 0.91 18.51
CA GLU A 461 17.42 -0.50 18.79
C GLU A 461 16.19 -1.12 19.43
N HIS A 462 15.89 -2.35 19.04
CA HIS A 462 14.77 -3.10 19.57
C HIS A 462 15.32 -4.07 20.61
N SER A 463 14.94 -3.88 21.87
CA SER A 463 15.49 -4.67 22.96
C SER A 463 14.40 -5.02 23.96
N SER A 464 14.68 -6.05 24.76
CA SER A 464 13.76 -6.44 25.84
C SER A 464 13.74 -5.41 26.95
N ARG A 465 14.84 -4.71 27.17
CA ARG A 465 15.03 -3.79 28.28
C ARG A 465 14.91 -2.35 27.80
N PRO A 466 14.81 -1.39 28.74
CA PRO A 466 14.69 0.03 28.33
C PRO A 466 15.86 0.50 27.48
N ILE A 467 15.62 1.59 26.76
CA ILE A 467 16.64 2.21 25.92
C ILE A 467 16.73 3.68 26.27
N ASN A 468 17.92 4.25 26.08
CA ASN A 468 18.19 5.65 26.36
C ASN A 468 18.83 6.41 25.20
N VAL A 469 18.98 5.80 24.03
CA VAL A 469 19.68 6.44 22.91
C VAL A 469 18.92 6.26 21.60
N ILE A 470 19.14 7.23 20.71
CA ILE A 470 18.59 7.28 19.35
C ILE A 470 19.76 7.40 18.38
N LYS A 471 19.70 6.65 17.29
CA LYS A 471 20.75 6.65 16.28
C LYS A 471 20.28 7.39 15.05
N PHE A 472 21.18 8.15 14.43
CA PHE A 472 20.85 8.92 13.23
C PHE A 472 22.00 8.85 12.24
N SER A 473 21.66 9.05 10.96
CA SER A 473 22.64 9.06 9.89
C SER A 473 22.26 10.12 8.86
N THR A 474 23.28 10.73 8.24
CA THR A 474 23.09 11.77 7.25
C THR A 474 23.72 11.42 5.91
N ASP A 475 24.17 10.18 5.74
CA ASP A 475 24.77 9.70 4.49
C ASP A 475 24.08 8.42 4.02
N GLU A 476 22.77 8.34 4.23
CA GLU A 476 21.96 7.23 3.75
C GLU A 476 22.43 5.89 4.33
N GLY A 477 22.61 5.86 5.65
CA GLY A 477 22.93 4.65 6.38
C GLY A 477 24.37 4.19 6.31
N GLN A 478 25.24 4.89 5.58
CA GLN A 478 26.63 4.47 5.50
C GLN A 478 27.35 4.64 6.85
N CYS A 479 27.09 5.75 7.55
CA CYS A 479 27.72 6.02 8.84
C CYS A 479 26.66 6.48 9.82
N TRP A 480 26.93 6.26 11.12
CA TRP A 480 25.95 6.59 12.15
C TRP A 480 26.63 7.28 13.33
N GLN A 481 25.81 8.05 14.04
CA GLN A 481 26.19 8.75 15.26
C GLN A 481 25.25 8.34 16.37
N THR A 482 25.78 8.28 17.58
CA THR A 482 25.01 7.85 18.74
C THR A 482 24.75 9.06 19.65
N TYR A 483 23.48 9.27 19.99
CA TYR A 483 23.10 10.39 20.84
C TYR A 483 22.10 9.96 21.91
N THR A 484 22.38 10.32 23.15
CA THR A 484 21.50 10.01 24.27
C THR A 484 20.45 11.10 24.40
N PHE A 485 19.18 10.70 24.37
CA PHE A 485 18.09 11.67 24.38
C PHE A 485 17.35 11.79 25.72
N THR A 486 17.72 11.01 26.73
CA THR A 486 17.04 11.07 28.01
C THR A 486 18.01 10.87 29.16
N ARG A 487 17.64 11.43 30.32
CA ARG A 487 18.20 10.99 31.59
C ARG A 487 17.71 9.60 32.00
N ASP A 488 16.40 9.34 31.87
CA ASP A 488 15.82 8.11 32.38
C ASP A 488 15.41 7.18 31.24
N PRO A 489 15.90 5.94 31.24
CA PRO A 489 15.53 4.99 30.19
C PRO A 489 14.04 4.67 30.21
N ILE A 490 13.49 4.43 29.02
CA ILE A 490 12.07 4.15 28.83
C ILE A 490 11.91 2.85 28.06
N TYR A 491 10.69 2.30 28.12
CA TYR A 491 10.36 1.08 27.41
C TYR A 491 9.81 1.53 26.06
N PHE A 492 10.54 1.23 24.99
CA PHE A 492 10.17 1.70 23.67
C PHE A 492 8.90 1.07 23.12
N THR A 493 8.01 1.92 22.58
CA THR A 493 6.78 1.45 21.96
C THR A 493 6.72 1.75 20.47
N GLY A 494 7.00 2.99 20.05
CA GLY A 494 6.89 3.32 18.63
C GLY A 494 7.50 4.64 18.27
N LEU A 495 7.51 4.90 16.96
CA LEU A 495 7.98 6.14 16.34
C LEU A 495 6.84 6.82 15.58
N ALA A 496 6.76 8.13 15.70
CA ALA A 496 5.77 8.93 14.98
C ALA A 496 6.49 10.04 14.24
N SER A 497 6.15 10.22 12.97
CA SER A 497 6.68 11.32 12.18
C SER A 497 5.65 11.68 11.12
N GLU A 498 5.72 12.92 10.65
CA GLU A 498 4.73 13.41 9.72
C GLU A 498 4.75 12.57 8.44
N PRO A 499 3.58 12.16 7.94
CA PRO A 499 3.56 11.37 6.71
C PRO A 499 4.16 12.16 5.54
N GLY A 500 4.90 11.45 4.68
CA GLY A 500 5.56 12.07 3.56
C GLY A 500 7.05 12.25 3.72
N ALA A 501 7.60 11.94 4.90
CA ALA A 501 9.05 11.96 5.13
C ALA A 501 9.68 13.27 4.66
N ARG A 502 9.06 14.37 5.07
CA ARG A 502 9.59 15.70 4.76
C ARG A 502 9.88 16.55 6.00
N SER A 503 9.41 16.16 7.18
CA SER A 503 9.78 16.93 8.35
C SER A 503 11.13 16.47 8.87
N MET A 504 11.64 17.25 9.83
CA MET A 504 12.87 16.95 10.54
C MET A 504 12.59 16.67 12.00
N ASN A 505 11.33 16.41 12.33
CA ASN A 505 10.89 16.13 13.68
C ASN A 505 10.49 14.66 13.77
N ILE A 506 11.03 13.98 14.77
CA ILE A 506 10.75 12.57 15.05
C ILE A 506 10.33 12.48 16.52
N SER A 507 9.40 11.58 16.81
CA SER A 507 8.90 11.39 18.16
C SER A 507 9.12 9.95 18.60
N ILE A 508 9.69 9.79 19.80
CA ILE A 508 9.94 8.47 20.39
C ILE A 508 8.92 8.28 21.51
N TRP A 509 8.13 7.22 21.43
CA TRP A 509 7.09 6.98 22.43
C TRP A 509 7.44 5.77 23.28
N GLY A 510 7.15 5.87 24.58
CA GLY A 510 7.45 4.80 25.49
C GLY A 510 7.01 5.15 26.90
N PHE A 511 6.95 4.11 27.73
CA PHE A 511 6.56 4.25 29.13
C PHE A 511 7.73 3.88 30.02
N THR A 512 7.72 4.41 31.24
CA THR A 512 8.74 4.08 32.23
C THR A 512 8.29 2.93 33.13
N TRP A 520 3.94 6.63 30.44
CA TRP A 520 3.96 7.04 29.04
C TRP A 520 4.62 8.40 28.86
N VAL A 521 5.55 8.48 27.90
CA VAL A 521 6.34 9.67 27.63
C VAL A 521 6.56 9.74 26.12
N SER A 522 7.02 10.88 25.64
CA SER A 522 7.29 11.06 24.22
C SER A 522 8.29 12.19 24.04
N TYR A 523 9.49 11.86 23.55
CA TYR A 523 10.52 12.86 23.28
C TYR A 523 10.57 13.12 21.78
N THR A 524 10.17 14.32 21.38
CA THR A 524 10.27 14.73 19.98
C THR A 524 11.57 15.49 19.77
N ILE A 525 12.45 14.92 18.95
CA ILE A 525 13.70 15.56 18.56
C ILE A 525 13.51 16.34 17.26
N ASP A 526 14.15 17.51 17.18
CA ASP A 526 14.17 18.32 15.97
C ASP A 526 15.61 18.41 15.48
N PHE A 527 15.85 18.02 14.23
CA PHE A 527 17.18 17.98 13.65
C PHE A 527 17.50 19.24 12.83
N LYS A 528 16.74 20.31 13.03
CA LYS A 528 16.94 21.53 12.23
C LYS A 528 18.37 22.04 12.34
N ASP A 529 18.93 22.04 13.55
CA ASP A 529 20.29 22.56 13.73
C ASP A 529 21.33 21.67 13.04
N ILE A 530 21.13 20.35 13.04
CA ILE A 530 22.15 19.46 12.49
C ILE A 530 22.42 19.78 11.02
N LEU A 531 21.37 19.94 10.23
CA LEU A 531 21.52 20.40 8.85
C LEU A 531 21.26 21.90 8.77
N GLU A 532 22.22 22.67 9.30
CA GLU A 532 22.10 24.12 9.29
C GLU A 532 22.08 24.66 7.87
N ARG A 533 22.88 24.06 6.99
CA ARG A 533 23.05 24.56 5.63
C ARG A 533 22.00 23.95 4.72
N ASN A 534 21.35 24.79 3.93
CA ASN A 534 20.41 24.31 2.93
C ASN A 534 21.17 23.83 1.70
N CYS A 535 20.56 22.92 0.95
CA CYS A 535 21.22 22.35 -0.21
C CYS A 535 21.14 23.29 -1.42
N GLU A 536 22.17 23.19 -2.25
CA GLU A 536 22.33 23.97 -3.47
C GLU A 536 22.76 23.03 -4.58
N GLU A 537 22.67 23.51 -5.82
CA GLU A 537 22.98 22.69 -7.00
C GLU A 537 24.18 21.76 -6.79
N LYS A 538 25.26 22.30 -6.22
CA LYS A 538 26.50 21.53 -6.09
C LYS A 538 26.31 20.29 -5.23
N ASP A 539 25.37 20.33 -4.28
CA ASP A 539 25.11 19.17 -3.42
C ASP A 539 24.56 17.98 -4.19
N TYR A 540 23.71 18.22 -5.18
CA TYR A 540 23.13 17.13 -5.95
C TYR A 540 24.09 16.65 -7.04
N THR A 541 23.91 15.38 -7.43
CA THR A 541 24.69 14.75 -8.48
C THR A 541 23.75 13.94 -9.37
N ILE A 542 24.23 13.59 -10.57
CA ILE A 542 23.41 12.88 -11.55
C ILE A 542 23.49 11.38 -11.32
N TRP A 543 22.34 10.72 -11.41
CA TRP A 543 22.25 9.29 -11.16
C TRP A 543 21.25 8.67 -12.13
N LEU A 544 21.72 7.80 -13.02
CA LEU A 544 20.83 7.02 -13.88
C LEU A 544 20.24 5.88 -13.06
N ALA A 545 18.91 5.87 -12.92
CA ALA A 545 18.23 4.76 -12.27
C ALA A 545 18.29 3.51 -13.15
N HIS A 546 18.27 2.35 -12.50
CA HIS A 546 18.06 1.06 -13.15
C HIS A 546 19.26 0.66 -14.01
N SER A 547 20.44 1.16 -13.67
CA SER A 547 21.62 0.98 -14.53
C SER A 547 22.25 -0.39 -14.25
N THR A 548 22.21 -1.27 -15.24
CA THR A 548 22.85 -2.57 -15.14
C THR A 548 24.16 -2.67 -15.91
N ASP A 549 24.30 -1.97 -17.03
CA ASP A 549 25.48 -2.08 -17.89
C ASP A 549 25.74 -0.73 -18.54
N PRO A 550 26.61 0.09 -17.94
CA PRO A 550 26.70 1.51 -18.34
C PRO A 550 27.13 1.72 -19.79
N GLU A 551 27.70 0.72 -20.44
CA GLU A 551 28.21 0.90 -21.80
C GLU A 551 27.11 0.88 -22.85
N ASP A 552 25.92 0.36 -22.53
CA ASP A 552 24.95 -0.02 -23.54
C ASP A 552 23.98 1.13 -23.80
N TYR A 553 23.65 1.32 -25.08
CA TYR A 553 22.65 2.32 -25.49
C TYR A 553 21.36 2.20 -24.70
N GLU A 554 20.90 0.97 -24.48
CA GLU A 554 19.63 0.69 -23.83
C GLU A 554 19.73 0.66 -22.31
N ASP A 555 20.90 0.90 -21.73
CA ASP A 555 21.03 0.81 -20.27
C ASP A 555 20.04 1.72 -19.57
N GLY A 556 19.35 1.16 -18.57
CA GLY A 556 18.40 1.92 -17.81
C GLY A 556 16.98 1.91 -18.34
N CYS A 557 16.75 1.42 -19.55
CA CYS A 557 15.37 1.39 -20.07
C CYS A 557 14.54 0.41 -19.26
N ILE A 558 13.53 0.93 -18.58
CA ILE A 558 12.50 0.15 -17.91
C ILE A 558 11.17 0.67 -18.40
N LEU A 559 10.37 -0.20 -19.01
CA LEU A 559 9.07 0.17 -19.56
C LEU A 559 9.22 1.18 -20.71
N GLY A 560 10.29 1.01 -21.49
CA GLY A 560 10.51 1.81 -22.67
C GLY A 560 11.25 3.13 -22.49
N TYR A 561 11.59 3.53 -21.27
CA TYR A 561 12.31 4.78 -21.11
C TYR A 561 13.25 4.73 -19.91
N LYS A 562 14.21 5.65 -19.91
CA LYS A 562 15.19 5.81 -18.84
C LYS A 562 14.86 7.06 -18.04
N GLU A 563 15.29 7.06 -16.77
CA GLU A 563 15.11 8.22 -15.93
C GLU A 563 16.45 8.55 -15.30
N GLN A 564 16.83 9.83 -15.37
CA GLN A 564 18.07 10.32 -14.79
C GLN A 564 17.71 11.30 -13.69
N PHE A 565 18.34 11.15 -12.54
CA PHE A 565 17.94 11.86 -11.34
C PHE A 565 19.07 12.72 -10.81
N LEU A 566 18.67 13.75 -10.08
CA LEU A 566 19.58 14.56 -9.28
C LEU A 566 19.30 14.16 -7.84
N ARG A 567 20.30 13.61 -7.17
CA ARG A 567 20.14 13.21 -5.78
C ARG A 567 21.29 13.75 -4.95
N LEU A 568 21.01 13.99 -3.68
CA LEU A 568 21.97 14.58 -2.77
C LEU A 568 23.15 13.66 -2.54
N ARG A 569 24.37 14.21 -2.67
CA ARG A 569 25.58 13.42 -2.47
C ARG A 569 25.66 12.92 -1.03
N LYS A 570 26.16 11.69 -0.88
CA LYS A 570 26.22 11.09 0.45
C LYS A 570 27.07 11.93 1.39
N SER A 571 28.20 12.45 0.89
CA SER A 571 29.08 13.25 1.73
C SER A 571 28.40 14.52 2.20
N SER A 572 27.70 15.21 1.30
CA SER A 572 27.04 16.47 1.65
C SER A 572 26.03 16.27 2.76
N MET A 573 26.01 17.20 3.72
CA MET A 573 25.07 17.17 4.85
C MET A 573 24.35 18.51 4.88
N CYS A 574 23.25 18.58 4.12
CA CYS A 574 22.46 19.79 4.00
C CYS A 574 20.98 19.42 3.98
N GLN A 575 20.13 20.38 4.34
CA GLN A 575 18.70 20.13 4.40
C GLN A 575 18.08 20.23 3.01
N ASN A 576 17.32 19.20 2.61
CA ASN A 576 16.60 19.25 1.35
C ASN A 576 15.48 20.28 1.37
N GLY A 577 14.78 20.39 2.49
CA GLY A 577 13.69 21.32 2.68
C GLY A 577 12.33 20.69 2.46
N ARG A 578 11.32 21.30 3.08
CA ARG A 578 9.96 20.79 2.98
C ARG A 578 9.41 20.85 1.58
N ASP A 579 9.91 21.76 0.74
CA ASP A 579 9.41 21.89 -0.62
C ASP A 579 10.34 21.24 -1.65
N TYR A 580 11.25 20.38 -1.20
CA TYR A 580 12.16 19.69 -2.11
C TYR A 580 11.39 18.98 -3.22
N VAL A 581 11.96 19.00 -4.42
CA VAL A 581 11.33 18.44 -5.61
C VAL A 581 12.33 17.47 -6.25
N VAL A 582 11.93 16.21 -6.35
CA VAL A 582 12.74 15.23 -7.07
C VAL A 582 12.83 15.66 -8.52
N THR A 583 14.05 15.88 -9.00
CA THR A 583 14.25 16.28 -10.38
C THR A 583 14.72 15.08 -11.18
N LYS A 584 14.03 14.81 -12.29
CA LYS A 584 14.39 13.70 -13.17
C LYS A 584 14.04 14.06 -14.60
N GLN A 585 14.81 13.52 -15.54
CA GLN A 585 14.55 13.74 -16.94
C GLN A 585 14.38 12.40 -17.64
N PRO A 586 13.37 12.25 -18.48
CA PRO A 586 13.14 10.96 -19.12
C PRO A 586 13.76 10.86 -20.51
N SER A 587 14.42 9.75 -20.81
CA SER A 587 14.92 9.46 -22.14
C SER A 587 14.06 8.33 -22.70
N ILE A 588 13.55 8.52 -23.91
CA ILE A 588 12.61 7.58 -24.51
C ILE A 588 13.37 6.59 -25.39
N CYS A 589 13.31 5.31 -25.01
CA CYS A 589 14.01 4.25 -25.72
C CYS A 589 13.18 3.79 -26.92
N LEU A 590 13.81 3.03 -27.80
CA LEU A 590 13.13 2.51 -28.99
C LEU A 590 12.33 1.27 -28.63
N CYS A 591 11.09 1.22 -29.10
CA CYS A 591 10.25 0.04 -28.90
C CYS A 591 10.91 -1.21 -29.46
N SER A 592 10.89 -2.27 -28.65
CA SER A 592 11.39 -3.60 -28.99
C SER A 592 10.30 -4.58 -28.61
N LEU A 593 10.44 -5.83 -29.05
CA LEU A 593 9.41 -6.81 -28.73
C LEU A 593 9.22 -6.95 -27.23
N GLU A 594 10.29 -6.76 -26.46
CA GLU A 594 10.24 -6.89 -25.01
C GLU A 594 9.32 -5.85 -24.36
N ASP A 595 8.86 -4.85 -25.11
CA ASP A 595 7.92 -3.87 -24.60
C ASP A 595 6.47 -4.23 -24.90
N PHE A 596 6.22 -5.37 -25.51
CA PHE A 596 4.87 -5.83 -25.76
C PHE A 596 4.65 -7.17 -25.04
N LEU A 597 3.42 -7.41 -24.61
CA LEU A 597 3.04 -8.71 -24.08
C LEU A 597 2.02 -9.35 -25.04
N CYS A 598 1.91 -10.67 -24.96
CA CYS A 598 1.03 -11.37 -25.88
C CYS A 598 -0.43 -11.06 -25.59
N ASP A 599 -1.18 -10.81 -26.66
CA ASP A 599 -2.61 -10.57 -26.54
C ASP A 599 -3.30 -11.93 -26.43
N PHE A 600 -4.62 -11.94 -26.29
CA PHE A 600 -5.33 -13.20 -26.12
C PHE A 600 -5.12 -14.11 -27.33
N GLY A 601 -4.98 -15.41 -27.07
CA GLY A 601 -4.77 -16.37 -28.13
C GLY A 601 -3.34 -16.54 -28.57
N TYR A 602 -2.39 -15.84 -27.96
CA TYR A 602 -0.97 -15.97 -28.26
C TYR A 602 -0.17 -16.22 -26.99
N TYR A 603 0.96 -16.89 -27.15
CA TYR A 603 1.84 -17.26 -26.04
C TYR A 603 3.29 -17.09 -26.45
N ARG A 604 4.18 -17.09 -25.45
CA ARG A 604 5.61 -16.96 -25.71
C ARG A 604 6.31 -18.29 -25.46
N PRO A 605 6.72 -19.00 -26.50
CA PRO A 605 7.44 -20.27 -26.31
C PRO A 605 8.74 -20.04 -25.57
N GLU A 606 9.32 -21.14 -25.06
CA GLU A 606 10.60 -21.04 -24.37
C GLU A 606 11.64 -20.42 -25.31
N ASN A 607 11.55 -20.76 -26.59
CA ASN A 607 12.38 -20.19 -27.63
C ASN A 607 12.03 -18.71 -27.76
N ASP A 608 13.02 -17.90 -28.13
CA ASP A 608 12.98 -16.43 -28.22
C ASP A 608 11.77 -15.73 -27.62
N SER A 609 11.44 -14.52 -28.11
CA SER A 609 10.39 -13.75 -27.45
C SER A 609 9.33 -13.21 -28.40
N LYS A 610 9.20 -13.81 -29.58
CA LYS A 610 8.15 -13.40 -30.51
C LYS A 610 6.86 -14.09 -30.07
N CYS A 611 5.76 -13.33 -29.99
CA CYS A 611 4.48 -13.94 -29.60
C CYS A 611 3.93 -14.71 -30.79
N VAL A 612 3.29 -15.85 -30.53
CA VAL A 612 2.78 -16.72 -31.59
C VAL A 612 1.47 -17.33 -31.15
N GLU A 613 0.62 -17.61 -32.14
CA GLU A 613 -0.76 -18.02 -31.87
C GLU A 613 -0.80 -19.46 -31.38
N GLN A 614 -1.53 -19.68 -30.29
CA GLN A 614 -1.53 -20.98 -29.63
C GLN A 614 -2.21 -22.03 -30.51
N PRO A 615 -1.72 -23.29 -30.51
CA PRO A 615 -2.43 -24.37 -31.21
C PRO A 615 -3.93 -24.35 -30.93
N GLU A 616 -4.30 -24.57 -29.67
CA GLU A 616 -5.69 -24.45 -29.24
C GLU A 616 -5.72 -23.99 -27.79
N LEU A 617 -6.69 -23.14 -27.48
CA LEU A 617 -6.86 -22.64 -26.12
C LEU A 617 -7.39 -23.73 -25.19
N LYS A 618 -6.94 -23.68 -23.93
CA LYS A 618 -7.33 -24.64 -22.92
C LYS A 618 -7.64 -23.94 -21.61
N GLY A 619 -8.33 -24.65 -20.73
CA GLY A 619 -8.63 -24.14 -19.39
C GLY A 619 -9.44 -22.86 -19.42
N HIS A 620 -9.03 -21.90 -18.57
CA HIS A 620 -9.76 -20.64 -18.52
C HIS A 620 -9.63 -19.85 -19.82
N ASP A 621 -8.57 -20.10 -20.60
CA ASP A 621 -8.46 -19.46 -21.91
C ASP A 621 -9.66 -19.85 -22.77
N LEU A 622 -10.11 -21.10 -22.67
CA LEU A 622 -11.28 -21.51 -23.43
C LEU A 622 -12.54 -20.90 -22.83
N GLU A 623 -12.57 -20.68 -21.51
CA GLU A 623 -13.76 -20.07 -20.91
C GLU A 623 -13.98 -18.67 -21.49
N PHE A 624 -12.88 -17.91 -21.64
CA PHE A 624 -12.96 -16.54 -22.12
C PHE A 624 -13.59 -16.51 -23.51
N CYS A 625 -13.18 -17.45 -24.35
CA CYS A 625 -13.68 -17.52 -25.72
C CYS A 625 -15.19 -17.62 -25.80
N LEU A 626 -15.81 -18.40 -24.93
CA LEU A 626 -17.25 -18.54 -24.96
C LEU A 626 -17.96 -17.69 -23.91
N HIS A 632 -12.03 -7.33 -27.41
CA HIS A 632 -11.12 -8.30 -26.81
C HIS A 632 -11.08 -9.51 -27.72
N LEU A 633 -12.25 -9.81 -28.31
CA LEU A 633 -12.34 -10.87 -29.31
C LEU A 633 -11.25 -10.67 -30.37
N THR A 634 -11.31 -9.52 -31.04
CA THR A 634 -10.27 -9.17 -32.00
C THR A 634 -8.93 -9.22 -31.28
N THR A 635 -7.96 -9.93 -31.86
CA THR A 635 -6.64 -10.00 -31.28
C THR A 635 -5.59 -9.43 -32.21
N ASN A 636 -4.77 -8.52 -31.69
CA ASN A 636 -3.68 -7.94 -32.44
C ASN A 636 -2.43 -8.80 -32.36
N GLY A 637 -2.41 -9.79 -31.45
CA GLY A 637 -1.30 -10.70 -31.31
C GLY A 637 -0.23 -10.16 -30.41
N TYR A 638 -0.28 -8.87 -30.12
CA TYR A 638 0.66 -8.14 -29.30
C TYR A 638 -0.06 -6.92 -28.75
N ARG A 639 0.26 -6.57 -27.51
CA ARG A 639 -0.28 -5.35 -26.93
C ARG A 639 0.85 -4.68 -26.15
N LYS A 640 0.78 -3.36 -26.11
CA LYS A 640 1.82 -2.59 -25.42
C LYS A 640 1.65 -2.73 -23.92
N ILE A 641 2.73 -3.12 -23.26
CA ILE A 641 2.79 -3.18 -21.80
C ILE A 641 2.21 -1.88 -21.23
N PRO A 642 1.28 -1.95 -20.28
CA PRO A 642 0.74 -0.71 -19.71
C PRO A 642 1.83 0.10 -19.03
N GLY A 643 1.78 1.42 -19.20
CA GLY A 643 2.80 2.27 -18.66
C GLY A 643 4.07 2.34 -19.48
N ASP A 644 4.14 1.62 -20.60
CA ASP A 644 5.35 1.59 -21.41
C ASP A 644 5.29 2.75 -22.41
N LYS A 645 6.28 3.63 -22.35
CA LYS A 645 6.35 4.85 -23.15
C LYS A 645 7.30 4.80 -24.35
N CYS A 646 7.79 3.63 -24.75
CA CYS A 646 8.75 3.56 -25.86
C CYS A 646 8.18 4.14 -27.14
N GLN A 647 9.02 4.80 -27.92
CA GLN A 647 8.60 5.37 -29.20
C GLN A 647 9.53 4.90 -30.30
N GLY A 648 9.00 4.88 -31.53
CA GLY A 648 9.82 4.40 -32.63
C GLY A 648 10.02 2.90 -32.59
N GLY A 649 11.13 2.46 -33.21
CA GLY A 649 11.56 1.09 -33.30
C GLY A 649 10.49 0.18 -33.86
N VAL A 650 10.46 -1.06 -33.36
CA VAL A 650 9.59 -2.08 -33.93
C VAL A 650 8.15 -1.82 -33.51
N ASN A 651 7.22 -2.10 -34.40
CA ASN A 651 5.81 -2.20 -34.05
C ASN A 651 5.29 -3.56 -34.48
N PRO A 652 5.03 -4.48 -33.55
CA PRO A 652 4.56 -5.81 -33.93
C PRO A 652 3.05 -5.97 -33.91
N VAL A 653 2.30 -4.94 -33.50
CA VAL A 653 0.86 -5.07 -33.43
C VAL A 653 0.34 -5.43 -34.82
N ARG A 654 -0.52 -6.43 -34.87
CA ARG A 654 -1.07 -6.93 -36.12
C ARG A 654 -2.49 -6.41 -36.32
N GLU A 655 -2.96 -6.51 -37.56
CA GLU A 655 -4.32 -6.08 -37.86
C GLU A 655 -5.30 -6.96 -37.10
N VAL A 656 -6.38 -6.34 -36.60
CA VAL A 656 -7.33 -7.06 -35.76
C VAL A 656 -7.88 -8.26 -36.49
N LYS A 657 -7.88 -9.40 -35.79
CA LYS A 657 -8.35 -10.67 -36.33
C LYS A 657 -9.27 -11.29 -35.28
N ASP A 658 -10.12 -12.22 -35.70
CA ASP A 658 -11.10 -12.82 -34.80
C ASP A 658 -10.85 -14.32 -34.73
N LEU A 659 -10.74 -14.83 -33.50
CA LEU A 659 -10.50 -16.25 -33.25
C LEU A 659 -11.79 -17.00 -32.92
N LYS A 660 -12.94 -16.35 -33.01
CA LYS A 660 -14.20 -17.00 -32.62
C LYS A 660 -14.46 -18.24 -33.48
N LYS A 661 -14.25 -18.15 -34.79
CA LYS A 661 -14.45 -19.31 -35.65
C LYS A 661 -13.48 -20.42 -35.30
N LYS A 662 -12.24 -20.07 -34.96
CA LYS A 662 -11.27 -21.09 -34.53
C LYS A 662 -11.75 -21.75 -33.25
N CYS A 663 -12.32 -20.96 -32.35
CA CYS A 663 -12.79 -21.45 -31.07
C CYS A 663 -13.94 -22.45 -31.23
N THR A 664 -14.92 -22.10 -32.05
CA THR A 664 -16.10 -22.93 -32.23
C THR A 664 -15.92 -23.90 -33.37
N SER A 665 -14.69 -23.98 -33.89
CA SER A 665 -14.39 -24.89 -34.99
C SER A 665 -14.65 -26.34 -34.59
N ASN A 666 -14.32 -26.70 -33.34
CA ASN A 666 -14.51 -28.05 -32.84
C ASN A 666 -15.92 -28.35 -32.32
N PHE A 667 -16.77 -27.34 -32.10
CA PHE A 667 -18.10 -27.56 -31.54
C PHE A 667 -19.15 -27.61 -32.64
N LEU A 668 -19.96 -28.66 -32.65
CA LEU A 668 -21.11 -28.69 -33.54
C LEU A 668 -22.13 -27.69 -33.00
N SER A 669 -22.70 -26.88 -33.89
CA SER A 669 -23.63 -25.88 -33.41
C SER A 669 -24.80 -25.69 -34.38
N PRO A 670 -25.95 -25.27 -33.89
CA PRO A 670 -27.15 -25.25 -34.72
C PRO A 670 -27.13 -24.11 -35.74
N GLU A 671 -28.04 -24.21 -36.70
CA GLU A 671 -28.09 -23.29 -37.82
C GLU A 671 -28.82 -22.00 -37.47
C1 NAG B . 3.86 1.79 -6.63
C2 NAG B . 2.57 2.04 -7.42
C3 NAG B . 2.70 3.28 -8.32
C4 NAG B . 3.19 4.49 -7.53
C5 NAG B . 4.49 4.12 -6.82
C6 NAG B . 5.03 5.25 -5.98
C7 NAG B . 0.97 0.42 -8.34
C8 NAG B . 0.80 -0.77 -9.23
N2 NAG B . 2.22 0.88 -8.22
O3 NAG B . 1.44 3.57 -8.92
O4 NAG B . 3.44 5.59 -8.39
O5 NAG B . 4.26 3.01 -5.95
O6 NAG B . 4.10 5.62 -4.97
O7 NAG B . 0.03 0.92 -7.74
C1 NAG B . 2.55 6.70 -8.15
C2 NAG B . 3.19 7.96 -8.74
C3 NAG B . 2.23 9.15 -8.62
C4 NAG B . 0.87 8.81 -9.20
C5 NAG B . 0.34 7.53 -8.56
C6 NAG B . -0.96 7.07 -9.17
C7 NAG B . 5.62 8.32 -8.73
C8 NAG B . 6.82 8.65 -7.90
N2 NAG B . 4.45 8.27 -8.08
O3 NAG B . 2.79 10.25 -9.33
O4 NAG B . -0.04 9.87 -8.94
O5 NAG B . 1.28 6.47 -8.75
O6 NAG B . -0.80 6.68 -10.53
O7 NAG B . 5.70 8.11 -9.93
C1 NAG C . 9.35 20.69 13.18
C2 NAG C . 9.17 21.25 11.76
C3 NAG C . 9.12 22.77 11.78
C4 NAG C . 8.07 23.27 12.76
C5 NAG C . 8.36 22.69 14.12
C6 NAG C . 7.34 23.07 15.17
C7 NAG C . 10.05 20.53 9.58
C8 NAG C . 11.26 20.14 8.80
N2 NAG C . 10.25 20.81 10.88
O3 NAG C . 8.85 23.23 10.45
O4 NAG C . 8.09 24.69 12.85
O5 NAG C . 8.35 21.26 14.05
O6 NAG C . 7.71 22.59 16.44
O7 NAG C . 8.93 20.58 9.07
C1 NAG C . 7.21 25.34 11.91
C2 NAG C . 6.40 26.46 12.57
C3 NAG C . 5.54 27.17 11.53
C4 NAG C . 6.40 27.65 10.36
C5 NAG C . 7.19 26.49 9.78
C6 NAG C . 8.14 26.91 8.69
C7 NAG C . 5.81 26.21 14.94
C8 NAG C . 4.85 25.61 15.91
N2 NAG C . 5.58 25.94 13.65
O3 NAG C . 4.87 28.27 12.14
O4 NAG C . 5.57 28.22 9.36
O5 NAG C . 7.98 25.87 10.82
O6 NAG C . 9.48 26.59 9.02
O7 NAG C . 6.76 26.89 15.31
C01 Q9Z D . -11.42 -8.36 -7.41
C02 Q9Z D . -12.77 -7.99 -6.69
C03 Q9Z D . -13.91 -8.76 -7.28
C04 Q9Z D . -12.63 -8.25 -5.17
C05 Q9Z D . -13.92 -8.81 -4.52
C07 Q9Z D . -12.86 -10.93 -3.23
C08 Q9Z D . -12.96 -12.30 -3.80
N06 Q9Z D . -13.65 -10.15 -4.11
N10 Q9Z D . -14.05 -12.33 -4.68
N11 Q9Z D . -14.49 -11.02 -4.87
O09 Q9Z D . -12.21 -13.21 -3.55
C1 PGE E . 2.87 5.85 17.83
O1 PGE E . 2.79 4.48 17.47
C2 PGE E . 3.13 5.96 19.32
O2 PGE E . 2.00 5.57 20.08
C3 PGE E . 2.32 5.17 21.40
C4 PGE E . 1.13 4.45 22.00
O4 PGE E . 1.93 0.38 21.02
C6 PGE E . 0.84 0.78 21.84
C5 PGE E . 1.15 2.12 22.46
O3 PGE E . 1.06 3.14 21.48
#